data_8Q6Y
#
_entry.id   8Q6Y
#
_cell.length_a   64.830
_cell.length_b   95.482
_cell.length_c   79.451
_cell.angle_alpha   90.00
_cell.angle_beta   108.28
_cell.angle_gamma   90.00
#
_symmetry.space_group_name_H-M   'P 1 21 1'
#
loop_
_entity.id
_entity.type
_entity.pdbx_description
1 polymer 'Cytochrome P450'
2 non-polymer 'PROTOPORPHYRIN IX CONTAINING FE'
3 non-polymer (3S,6S)-3,6-bis(4-hydroxybenzyl)piperazine-2,5-dione
4 non-polymer HYPOXANTHINE
5 non-polymer 1,2-ETHANEDIOL
6 water water
#
_entity_poly.entity_id   1
_entity_poly.type   'polypeptide(L)'
_entity_poly.pdbx_seq_one_letter_code
;MTTHAEPILDFPFTWDGTHLPAQIGELAPVVKVRTIAGAEAWLVSSYELVKQVLEDDRFSLKNTSDPGVPRQYALTIPPE
VVNNMGNITGAGLRKAVMKAINPKAPGLQEWMEEHAAELVERMLKHGAPVDIRSMFTDPFSEAMHCQILGIPHEAAPLLS
ESLPIAFMNSPREIPAARLNWDRDIAYMTARLDDTEQGLIGDLAKLRGTEGYEHVSDEMFATVGVTLFGAGVISTAGFLA
MALVTLLTHPEEADHLADHPELMPQAVDELLRINLSIGDGLPRLAMEDMTLGEVEVKKGELVLVLPEGANFDPSVFPDPH
RLDFTRANSSAHFSFGGGSHYCPATALGKKHAEIGLRAVLAAMPRLRLAVPVEQLVWRTGFMKRLPERLPVMWGSGLVPR
GSHHHHHHHH
;
_entity_poly.pdbx_strand_id   A,B
#
# COMPACT_ATOMS: atom_id res chain seq x y z
N ILE A 8 26.71 10.36 12.33
CA ILE A 8 25.70 9.41 12.91
C ILE A 8 25.00 8.66 11.77
N LEU A 9 25.02 7.32 11.80
CA LEU A 9 24.44 6.47 10.73
C LEU A 9 23.09 5.91 11.19
N ASP A 10 22.02 6.23 10.47
CA ASP A 10 20.64 5.77 10.78
C ASP A 10 20.45 4.38 10.16
N PHE A 11 19.79 3.51 10.91
CA PHE A 11 19.40 2.16 10.45
C PHE A 11 17.90 2.06 10.71
N PRO A 12 17.06 1.49 9.80
CA PRO A 12 17.49 0.92 8.53
C PRO A 12 17.86 1.96 7.46
N PHE A 13 18.33 1.46 6.32
CA PHE A 13 18.89 2.28 5.23
C PHE A 13 17.82 2.62 4.21
N THR A 14 16.98 1.66 3.85
CA THR A 14 15.95 1.85 2.80
C THR A 14 14.90 0.75 2.91
N TRP A 15 13.69 1.07 2.49
CA TRP A 15 12.53 0.15 2.41
C TRP A 15 12.44 -0.45 1.00
N ASP A 16 13.22 0.09 0.07
CA ASP A 16 13.21 -0.36 -1.34
C ASP A 16 13.90 -1.74 -1.40
N GLY A 17 13.16 -2.77 -1.77
CA GLY A 17 13.65 -4.15 -1.82
C GLY A 17 14.02 -4.59 -3.23
N THR A 18 14.25 -3.68 -4.19
CA THR A 18 14.56 -4.10 -5.59
C THR A 18 16.01 -4.59 -5.65
N HIS A 19 16.92 -4.13 -4.82
CA HIS A 19 18.31 -4.64 -4.83
C HIS A 19 18.94 -4.31 -3.49
N LEU A 20 20.11 -4.87 -3.23
CA LEU A 20 20.82 -4.66 -1.96
C LEU A 20 21.13 -3.18 -1.80
N PRO A 21 20.79 -2.59 -0.63
CA PRO A 21 21.14 -1.21 -0.36
C PRO A 21 22.64 -1.00 -0.62
N ALA A 22 22.97 0.10 -1.31
CA ALA A 22 24.36 0.53 -1.59
C ALA A 22 25.17 0.57 -0.28
N GLN A 23 24.54 0.93 0.83
CA GLN A 23 25.27 1.13 2.11
C GLN A 23 25.91 -0.18 2.55
N ILE A 24 25.33 -1.34 2.24
CA ILE A 24 25.78 -2.66 2.81
C ILE A 24 27.23 -2.93 2.41
N GLY A 25 27.55 -2.80 1.12
CA GLY A 25 28.91 -2.95 0.55
C GLY A 25 29.93 -2.00 1.17
N GLU A 26 29.49 -0.91 1.81
CA GLU A 26 30.40 0.11 2.39
C GLU A 26 30.58 -0.09 3.91
N LEU A 27 29.83 -0.99 4.54
CA LEU A 27 29.86 -1.14 6.03
C LEU A 27 31.15 -1.85 6.45
N ALA A 28 31.77 -1.41 7.55
CA ALA A 28 32.69 -2.22 8.38
C ALA A 28 31.86 -3.37 8.97
N PRO A 29 32.48 -4.50 9.38
CA PRO A 29 31.71 -5.64 9.91
C PRO A 29 30.84 -5.27 11.13
N VAL A 30 31.31 -4.30 11.95
CA VAL A 30 30.57 -3.78 13.14
C VAL A 30 30.59 -2.23 13.13
N VAL A 31 29.40 -1.63 13.12
CA VAL A 31 29.25 -0.16 12.99
C VAL A 31 28.18 0.30 13.99
N LYS A 32 28.45 1.41 14.69
CA LYS A 32 27.46 2.17 15.51
C LYS A 32 26.36 2.74 14.61
N VAL A 33 25.10 2.51 14.95
CA VAL A 33 23.95 3.13 14.24
C VAL A 33 22.99 3.71 15.26
N ARG A 34 22.07 4.56 14.80
CA ARG A 34 20.92 5.09 15.58
C ARG A 34 19.67 4.38 15.06
N THR A 35 18.84 3.84 15.95
CA THR A 35 17.70 2.96 15.60
C THR A 35 16.50 3.87 15.38
N ILE A 36 15.41 3.30 14.87
CA ILE A 36 14.09 3.96 14.74
C ILE A 36 13.63 4.54 16.08
N ALA A 37 13.98 3.93 17.22
CA ALA A 37 13.54 4.36 18.57
C ALA A 37 14.55 5.35 19.18
N GLY A 38 15.63 5.69 18.48
CA GLY A 38 16.55 6.76 18.91
C GLY A 38 17.74 6.22 19.70
N ALA A 39 17.85 4.91 19.86
CA ALA A 39 18.92 4.25 20.65
C ALA A 39 20.18 4.08 19.80
N GLU A 40 21.32 3.89 20.47
CA GLU A 40 22.59 3.41 19.86
C GLU A 40 22.49 1.88 19.71
N ALA A 41 23.03 1.32 18.63
CA ALA A 41 23.14 -0.14 18.43
C ALA A 41 24.39 -0.44 17.62
N TRP A 42 24.98 -1.62 17.85
CA TRP A 42 26.06 -2.17 17.00
C TRP A 42 25.43 -2.98 15.88
N LEU A 43 25.57 -2.56 14.64
CA LEU A 43 25.07 -3.30 13.47
C LEU A 43 26.19 -4.23 13.00
N VAL A 44 25.88 -5.52 12.85
CA VAL A 44 26.86 -6.62 12.60
C VAL A 44 26.50 -7.23 11.24
N SER A 45 27.38 -7.14 10.24
CA SER A 45 27.03 -7.43 8.83
C SER A 45 28.02 -8.36 8.09
N SER A 46 29.14 -8.76 8.68
CA SER A 46 30.02 -9.78 8.05
C SER A 46 29.50 -11.18 8.39
N TYR A 47 29.62 -12.10 7.45
CA TYR A 47 29.20 -13.51 7.63
C TYR A 47 29.82 -14.06 8.93
N GLU A 48 31.13 -13.86 9.11
CA GLU A 48 31.91 -14.33 10.29
C GLU A 48 31.25 -13.85 11.60
N LEU A 49 30.90 -12.57 11.70
CA LEU A 49 30.49 -12.01 13.02
C LEU A 49 29.00 -12.19 13.20
N VAL A 50 28.25 -12.32 12.12
CA VAL A 50 26.80 -12.66 12.21
C VAL A 50 26.72 -14.07 12.81
N LYS A 51 27.49 -15.01 12.28
CA LYS A 51 27.60 -16.39 12.82
C LYS A 51 27.95 -16.31 14.31
N GLN A 52 28.97 -15.53 14.68
CA GLN A 52 29.48 -15.49 16.07
C GLN A 52 28.39 -14.99 17.03
N VAL A 53 27.63 -13.97 16.63
CA VAL A 53 26.58 -13.40 17.53
C VAL A 53 25.45 -14.43 17.68
N LEU A 54 24.95 -14.98 16.58
CA LEU A 54 23.74 -15.83 16.59
C LEU A 54 24.02 -17.12 17.36
N GLU A 55 25.29 -17.56 17.38
CA GLU A 55 25.71 -18.84 18.01
C GLU A 55 26.19 -18.63 19.46
N ASP A 56 26.15 -17.42 19.99
CA ASP A 56 26.51 -17.12 21.40
C ASP A 56 25.32 -16.53 22.16
N ASP A 57 24.81 -17.26 23.16
CA ASP A 57 23.58 -16.88 23.90
C ASP A 57 23.86 -15.74 24.89
N ARG A 58 25.12 -15.32 25.05
CA ARG A 58 25.41 -14.10 25.85
C ARG A 58 24.94 -12.85 25.08
N PHE A 59 24.65 -13.01 23.79
CA PHE A 59 23.83 -12.09 22.97
C PHE A 59 22.39 -12.62 23.01
N SER A 60 21.59 -12.03 23.90
CA SER A 60 20.29 -12.56 24.34
C SER A 60 19.16 -11.88 23.56
N LEU A 61 18.30 -12.66 22.90
CA LEU A 61 17.03 -12.17 22.32
C LEU A 61 16.06 -11.81 23.45
N LYS A 62 15.84 -12.72 24.39
CA LYS A 62 14.89 -12.54 25.51
C LYS A 62 15.07 -11.17 26.18
N ASN A 63 16.30 -10.71 26.40
CA ASN A 63 16.56 -9.52 27.22
C ASN A 63 16.31 -8.24 26.40
N THR A 64 16.03 -8.36 25.10
CA THR A 64 15.80 -7.16 24.22
C THR A 64 14.51 -6.42 24.62
N SER A 65 13.61 -7.04 25.40
CA SER A 65 12.36 -6.38 25.87
C SER A 65 12.42 -6.02 27.35
N ASP A 66 13.57 -6.18 28.00
CA ASP A 66 13.70 -5.77 29.43
C ASP A 66 13.41 -4.28 29.57
N PRO A 67 12.88 -3.87 30.73
CA PRO A 67 12.62 -2.45 31.01
C PRO A 67 13.81 -1.52 30.80
N GLY A 68 13.66 -0.52 29.91
CA GLY A 68 14.60 0.60 29.78
C GLY A 68 15.83 0.26 28.95
N VAL A 69 15.85 -0.89 28.29
CA VAL A 69 17.04 -1.30 27.48
C VAL A 69 16.93 -0.57 26.15
N PRO A 70 18.07 -0.30 25.47
CA PRO A 70 18.05 0.27 24.13
C PRO A 70 17.23 -0.62 23.19
N ARG A 71 16.32 0.01 22.43
CA ARG A 71 15.36 -0.67 21.56
C ARG A 71 15.64 -0.31 20.10
N GLN A 72 15.39 -1.26 19.22
CA GLN A 72 15.41 -1.06 17.75
C GLN A 72 14.18 -0.24 17.33
N TYR A 73 13.02 -0.54 17.91
CA TYR A 73 11.73 0.12 17.68
C TYR A 73 10.80 -0.28 18.81
N ALA A 74 9.62 0.32 18.87
CA ALA A 74 8.66 0.04 19.97
C ALA A 74 8.18 -1.41 19.91
N LEU A 75 8.01 -2.06 21.07
CA LEU A 75 7.29 -3.35 21.19
C LEU A 75 5.86 -3.20 20.68
N THR A 76 5.32 -4.21 20.00
CA THR A 76 3.88 -4.26 19.62
C THR A 76 3.22 -5.46 20.27
N ILE A 77 3.93 -6.09 21.20
CA ILE A 77 3.51 -7.32 21.93
C ILE A 77 3.90 -7.15 23.40
N PRO A 78 3.34 -7.99 24.29
CA PRO A 78 3.82 -8.01 25.68
C PRO A 78 5.31 -8.34 25.70
N PRO A 79 6.12 -7.78 26.61
CA PRO A 79 7.56 -7.97 26.59
C PRO A 79 7.97 -9.45 26.66
N GLU A 80 7.20 -10.25 27.40
CA GLU A 80 7.55 -11.67 27.65
C GLU A 80 7.43 -12.45 26.33
N VAL A 81 6.62 -11.97 25.38
CA VAL A 81 6.36 -12.72 24.11
C VAL A 81 7.59 -12.65 23.18
N VAL A 82 8.56 -11.77 23.47
CA VAL A 82 9.84 -11.80 22.72
C VAL A 82 10.52 -13.16 23.00
N ASN A 83 10.22 -13.77 24.14
CA ASN A 83 10.79 -15.11 24.49
C ASN A 83 9.80 -16.21 24.14
N ASN A 84 9.02 -16.01 23.09
CA ASN A 84 7.83 -16.83 22.77
C ASN A 84 8.22 -18.31 22.73
N MET A 85 9.28 -18.63 21.99
CA MET A 85 9.66 -20.04 21.77
C MET A 85 10.07 -20.65 23.12
N GLY A 86 10.84 -19.92 23.94
CA GLY A 86 11.19 -20.31 25.32
C GLY A 86 9.94 -20.58 26.17
N ASN A 87 8.93 -19.72 26.06
CA ASN A 87 7.68 -19.80 26.85
C ASN A 87 6.90 -21.06 26.42
N ILE A 88 6.86 -21.34 25.12
CA ILE A 88 6.15 -22.52 24.55
C ILE A 88 6.80 -23.78 25.11
N THR A 89 8.13 -23.80 25.18
CA THR A 89 8.91 -24.94 25.74
C THR A 89 8.61 -25.07 27.23
N GLY A 90 8.76 -23.97 27.97
CA GLY A 90 8.52 -23.98 29.42
C GLY A 90 7.12 -24.41 29.74
N ALA A 91 6.15 -24.21 28.86
CA ALA A 91 4.74 -24.53 29.13
C ALA A 91 4.43 -25.99 28.73
N GLY A 92 5.41 -26.74 28.19
CA GLY A 92 5.20 -28.11 27.69
C GLY A 92 4.45 -28.17 26.35
N LEU A 93 4.50 -27.14 25.52
CA LEU A 93 3.68 -27.10 24.28
C LEU A 93 4.56 -27.25 23.03
N ARG A 94 5.85 -27.51 23.21
CA ARG A 94 6.80 -27.64 22.07
C ARG A 94 6.41 -28.84 21.20
N LYS A 95 6.14 -29.99 21.80
CA LYS A 95 5.70 -31.16 21.00
C LYS A 95 4.51 -30.83 20.11
N ALA A 96 3.46 -30.18 20.64
CA ALA A 96 2.25 -29.83 19.86
C ALA A 96 2.64 -28.88 18.72
N VAL A 97 3.46 -27.87 18.99
CA VAL A 97 3.89 -26.87 17.99
C VAL A 97 4.72 -27.56 16.90
N MET A 98 5.72 -28.38 17.27
CA MET A 98 6.58 -29.02 16.25
C MET A 98 5.74 -29.94 15.36
N LYS A 99 4.74 -30.60 15.91
CA LYS A 99 3.86 -31.50 15.13
C LYS A 99 3.10 -30.64 14.11
N ALA A 100 2.51 -29.53 14.55
CA ALA A 100 1.67 -28.67 13.69
C ALA A 100 2.46 -28.06 12.53
N ILE A 101 3.74 -27.71 12.71
CA ILE A 101 4.55 -27.00 11.68
C ILE A 101 5.36 -27.98 10.83
N ASN A 102 5.20 -29.28 11.06
CA ASN A 102 5.84 -30.31 10.24
C ASN A 102 5.11 -30.45 8.91
N PRO A 103 5.76 -30.14 7.76
CA PRO A 103 5.10 -30.21 6.45
C PRO A 103 4.70 -31.66 6.08
N LYS A 104 5.27 -32.65 6.80
CA LYS A 104 5.00 -34.09 6.57
C LYS A 104 3.69 -34.51 7.28
N ALA A 105 3.01 -33.62 8.01
CA ALA A 105 1.73 -33.97 8.69
C ALA A 105 0.76 -34.53 7.66
N PRO A 106 -0.05 -35.54 8.00
CA PRO A 106 -0.90 -36.23 7.03
C PRO A 106 -1.83 -35.27 6.27
N GLY A 107 -1.75 -35.35 4.94
CA GLY A 107 -2.62 -34.60 4.03
C GLY A 107 -2.12 -33.18 3.72
N LEU A 108 -1.20 -32.62 4.49
CA LEU A 108 -0.90 -31.17 4.38
C LEU A 108 -0.24 -30.84 3.01
N GLN A 109 0.75 -31.61 2.56
CA GLN A 109 1.39 -31.41 1.24
C GLN A 109 0.32 -31.44 0.15
N GLU A 110 -0.61 -32.40 0.17
CA GLU A 110 -1.64 -32.50 -0.90
C GLU A 110 -2.57 -31.29 -0.76
N TRP A 111 -2.87 -30.86 0.47
CA TRP A 111 -3.73 -29.67 0.68
C TRP A 111 -3.03 -28.43 0.09
N MET A 112 -1.76 -28.21 0.40
CA MET A 112 -1.01 -27.04 -0.10
C MET A 112 -0.96 -27.08 -1.63
N GLU A 113 -0.68 -28.24 -2.25
CA GLU A 113 -0.67 -28.37 -3.72
C GLU A 113 -2.04 -28.00 -4.32
N GLU A 114 -3.16 -28.52 -3.81
CA GLU A 114 -4.52 -28.21 -4.36
C GLU A 114 -4.82 -26.71 -4.16
N HIS A 115 -4.48 -26.15 -3.00
CA HIS A 115 -4.83 -24.75 -2.71
C HIS A 115 -4.03 -23.85 -3.67
N ALA A 116 -2.74 -24.10 -3.85
CA ALA A 116 -1.89 -23.31 -4.78
C ALA A 116 -2.48 -23.41 -6.19
N ALA A 117 -2.82 -24.62 -6.62
CA ALA A 117 -3.38 -24.86 -7.97
C ALA A 117 -4.65 -24.03 -8.14
N GLU A 118 -5.50 -24.04 -7.12
CA GLU A 118 -6.80 -23.35 -7.14
C GLU A 118 -6.58 -21.82 -7.29
N LEU A 119 -5.71 -21.24 -6.48
CA LEU A 119 -5.44 -19.77 -6.51
C LEU A 119 -4.86 -19.37 -7.89
N VAL A 120 -3.96 -20.18 -8.42
CA VAL A 120 -3.36 -19.91 -9.74
C VAL A 120 -4.45 -19.96 -10.80
N GLU A 121 -5.36 -20.93 -10.76
CA GLU A 121 -6.47 -20.98 -11.77
C GLU A 121 -7.31 -19.69 -11.68
N ARG A 122 -7.57 -19.15 -10.50
CA ARG A 122 -8.38 -17.92 -10.37
C ARG A 122 -7.65 -16.75 -11.07
N MET A 123 -6.33 -16.69 -10.94
CA MET A 123 -5.51 -15.64 -11.58
C MET A 123 -5.62 -15.80 -13.09
N LEU A 124 -5.54 -17.03 -13.61
CA LEU A 124 -5.68 -17.32 -15.07
C LEU A 124 -7.07 -16.89 -15.54
N LYS A 125 -8.14 -17.18 -14.80
CA LYS A 125 -9.52 -16.82 -15.22
C LYS A 125 -9.65 -15.30 -15.19
N HIS A 126 -8.98 -14.62 -14.27
CA HIS A 126 -9.06 -13.15 -14.15
C HIS A 126 -8.38 -12.53 -15.38
N GLY A 127 -7.26 -13.10 -15.81
CA GLY A 127 -6.43 -12.56 -16.90
C GLY A 127 -5.47 -11.50 -16.38
N ALA A 128 -4.43 -11.25 -17.17
CA ALA A 128 -3.40 -10.24 -16.84
C ALA A 128 -3.97 -8.83 -16.99
N PRO A 129 -3.54 -7.84 -16.19
CA PRO A 129 -2.59 -8.07 -15.12
C PRO A 129 -3.28 -8.45 -13.80
N VAL A 130 -2.55 -9.04 -12.88
CA VAL A 130 -3.09 -9.34 -11.52
C VAL A 130 -2.06 -8.92 -10.49
N ASP A 131 -2.51 -8.64 -9.27
CA ASP A 131 -1.64 -8.37 -8.11
C ASP A 131 -1.37 -9.75 -7.49
N ILE A 132 -0.18 -10.26 -7.71
CA ILE A 132 0.12 -11.65 -7.29
C ILE A 132 0.29 -11.72 -5.76
N ARG A 133 0.45 -10.60 -5.06
CA ARG A 133 0.40 -10.61 -3.57
C ARG A 133 -1.03 -10.88 -3.08
N SER A 134 -2.03 -10.09 -3.50
N SER A 134 -2.01 -10.06 -3.50
CA SER A 134 -3.38 -10.21 -2.93
CA SER A 134 -3.39 -10.18 -2.99
C SER A 134 -4.10 -11.42 -3.56
C SER A 134 -4.00 -11.48 -3.50
N MET A 135 -3.68 -11.90 -4.72
CA MET A 135 -4.37 -13.06 -5.35
C MET A 135 -3.59 -14.38 -5.13
N PHE A 136 -2.38 -14.33 -4.59
CA PHE A 136 -1.55 -15.54 -4.40
C PHE A 136 -0.77 -15.54 -3.08
N THR A 137 0.26 -14.73 -2.93
CA THR A 137 1.22 -14.94 -1.82
C THR A 137 0.47 -14.81 -0.47
N ASP A 138 -0.40 -13.81 -0.35
CA ASP A 138 -1.12 -13.56 0.93
C ASP A 138 -2.10 -14.70 1.17
N PRO A 139 -3.08 -14.99 0.27
CA PRO A 139 -4.06 -16.04 0.55
C PRO A 139 -3.45 -17.44 0.74
N PHE A 140 -2.40 -17.76 0.03
CA PHE A 140 -1.69 -19.05 0.14
C PHE A 140 -1.12 -19.20 1.56
N SER A 141 -0.44 -18.18 2.04
CA SER A 141 0.22 -18.14 3.36
C SER A 141 -0.87 -18.14 4.45
N GLU A 142 -1.88 -17.28 4.30
CA GLU A 142 -2.99 -17.21 5.31
C GLU A 142 -3.73 -18.54 5.47
N ALA A 143 -4.16 -19.14 4.37
CA ALA A 143 -5.00 -20.36 4.42
C ALA A 143 -4.14 -21.51 4.99
N MET A 144 -2.86 -21.58 4.63
CA MET A 144 -1.97 -22.65 5.15
C MET A 144 -1.92 -22.53 6.67
N HIS A 145 -1.80 -21.33 7.21
CA HIS A 145 -1.76 -21.14 8.69
C HIS A 145 -3.10 -21.44 9.36
N CYS A 146 -4.25 -21.16 8.74
CA CYS A 146 -5.56 -21.59 9.28
C CYS A 146 -5.58 -23.12 9.27
N GLN A 147 -5.11 -23.74 8.19
CA GLN A 147 -5.08 -25.22 8.04
C GLN A 147 -4.27 -25.80 9.20
N ILE A 148 -3.04 -25.33 9.45
CA ILE A 148 -2.23 -26.01 10.50
C ILE A 148 -2.74 -25.65 11.91
N LEU A 149 -3.37 -24.50 12.11
CA LEU A 149 -3.99 -24.15 13.43
C LEU A 149 -5.28 -24.91 13.69
N GLY A 150 -5.98 -25.34 12.64
CA GLY A 150 -7.22 -26.11 12.73
C GLY A 150 -8.44 -25.24 12.66
N ILE A 151 -8.27 -23.95 12.33
CA ILE A 151 -9.40 -22.97 12.41
C ILE A 151 -10.04 -22.78 11.04
N PRO A 152 -11.27 -22.25 10.99
CA PRO A 152 -11.96 -22.00 9.73
C PRO A 152 -11.14 -21.04 8.81
N HIS A 153 -11.02 -21.39 7.53
CA HIS A 153 -10.24 -20.62 6.53
C HIS A 153 -10.85 -19.21 6.38
N GLU A 154 -12.14 -19.04 6.64
CA GLU A 154 -12.85 -17.73 6.54
C GLU A 154 -12.40 -16.81 7.68
N ALA A 155 -11.59 -17.25 8.65
CA ALA A 155 -11.00 -16.39 9.69
C ALA A 155 -9.73 -15.65 9.21
N ALA A 156 -9.15 -16.03 8.07
CA ALA A 156 -7.83 -15.52 7.65
C ALA A 156 -7.90 -14.01 7.40
N PRO A 157 -8.92 -13.47 6.69
CA PRO A 157 -8.95 -12.03 6.40
C PRO A 157 -8.87 -11.19 7.69
N LEU A 158 -9.73 -11.47 8.67
CA LEU A 158 -9.78 -10.73 9.96
C LEU A 158 -8.44 -10.85 10.72
N LEU A 159 -7.91 -12.06 10.94
CA LEU A 159 -6.60 -12.16 11.65
C LEU A 159 -5.48 -11.49 10.83
N SER A 160 -5.52 -11.61 9.51
N SER A 160 -5.51 -11.60 9.52
CA SER A 160 -4.51 -11.03 8.60
CA SER A 160 -4.45 -11.04 8.65
C SER A 160 -4.51 -9.50 8.70
C SER A 160 -4.52 -9.51 8.67
N GLU A 161 -5.68 -8.89 9.00
CA GLU A 161 -5.83 -7.40 9.10
C GLU A 161 -4.91 -6.83 10.19
N SER A 162 -4.58 -7.60 11.20
CA SER A 162 -3.68 -7.22 12.32
C SER A 162 -2.25 -7.01 11.83
N LEU A 163 -1.85 -7.71 10.76
CA LEU A 163 -0.40 -7.96 10.45
C LEU A 163 0.30 -6.68 9.98
N PRO A 164 -0.31 -5.82 9.15
CA PRO A 164 0.40 -4.59 8.75
C PRO A 164 0.74 -3.66 9.90
N ILE A 165 0.07 -3.80 11.05
CA ILE A 165 0.36 -3.01 12.29
C ILE A 165 1.22 -3.82 13.26
N ALA A 166 0.96 -5.12 13.39
CA ALA A 166 1.65 -5.96 14.40
C ALA A 166 3.19 -5.96 14.17
N PHE A 167 3.62 -5.94 12.91
CA PHE A 167 5.04 -6.02 12.51
C PHE A 167 5.55 -4.63 12.10
N MET A 168 4.83 -3.56 12.44
CA MET A 168 5.41 -2.21 12.36
C MET A 168 6.72 -2.12 13.15
N ASN A 169 7.63 -1.31 12.63
CA ASN A 169 8.85 -0.83 13.32
C ASN A 169 8.68 0.67 13.55
N SER A 170 8.09 1.03 14.68
CA SER A 170 7.64 2.39 15.04
C SER A 170 8.57 3.01 16.08
N PRO A 171 8.79 4.33 16.02
CA PRO A 171 9.48 5.04 17.10
C PRO A 171 8.67 5.06 18.39
N ARG A 172 7.33 4.89 18.31
CA ARG A 172 6.41 5.04 19.46
C ARG A 172 5.46 3.86 19.54
N GLU A 173 4.97 3.59 20.74
CA GLU A 173 3.82 2.70 21.03
C GLU A 173 2.70 2.94 19.99
N ILE A 174 2.12 1.87 19.48
CA ILE A 174 0.99 1.88 18.50
C ILE A 174 -0.29 1.41 19.18
N PRO A 175 -1.24 2.33 19.47
CA PRO A 175 -2.49 1.97 20.14
C PRO A 175 -3.27 0.86 19.43
N ALA A 176 -3.25 0.83 18.08
CA ALA A 176 -3.88 -0.23 17.26
C ALA A 176 -3.30 -1.61 17.65
N ALA A 177 -2.01 -1.72 18.00
CA ALA A 177 -1.34 -3.03 18.23
C ALA A 177 -2.02 -3.71 19.43
N ARG A 178 -2.31 -2.95 20.51
CA ARG A 178 -2.94 -3.52 21.73
C ARG A 178 -4.40 -3.91 21.41
N LEU A 179 -5.19 -3.01 20.75
CA LEU A 179 -6.58 -3.32 20.35
C LEU A 179 -6.59 -4.64 19.58
N ASN A 180 -5.72 -4.81 18.59
CA ASN A 180 -5.72 -6.01 17.71
C ASN A 180 -5.24 -7.26 18.47
N TRP A 181 -4.24 -7.10 19.31
CA TRP A 181 -3.71 -8.20 20.14
C TRP A 181 -4.85 -8.79 20.99
N ASP A 182 -5.50 -7.94 21.78
CA ASP A 182 -6.64 -8.34 22.66
C ASP A 182 -7.73 -9.01 21.82
N ARG A 183 -8.06 -8.48 20.63
CA ARG A 183 -9.12 -9.06 19.75
C ARG A 183 -8.68 -10.46 19.32
N ASP A 184 -7.41 -10.59 18.91
CA ASP A 184 -6.82 -11.82 18.32
C ASP A 184 -6.74 -12.87 19.45
N ILE A 185 -6.29 -12.48 20.64
CA ILE A 185 -6.25 -13.38 21.86
C ILE A 185 -7.67 -13.86 22.17
N ALA A 186 -8.67 -12.97 22.19
CA ALA A 186 -10.08 -13.35 22.47
C ALA A 186 -10.55 -14.37 21.41
N TYR A 187 -10.16 -14.17 20.16
CA TYR A 187 -10.62 -15.05 19.05
C TYR A 187 -10.04 -16.45 19.28
N MET A 188 -8.73 -16.57 19.54
CA MET A 188 -8.08 -17.90 19.74
C MET A 188 -8.62 -18.56 21.03
N THR A 189 -8.80 -17.78 22.09
CA THR A 189 -9.45 -18.25 23.33
C THR A 189 -10.79 -18.93 22.99
N ALA A 190 -11.65 -18.32 22.17
CA ALA A 190 -12.94 -18.90 21.76
C ALA A 190 -12.72 -20.21 20.99
N ARG A 191 -11.70 -20.25 20.13
CA ARG A 191 -11.43 -21.45 19.28
C ARG A 191 -11.07 -22.67 20.17
N LEU A 192 -10.50 -22.48 21.36
CA LEU A 192 -10.12 -23.63 22.22
C LEU A 192 -11.39 -24.39 22.60
N ASP A 193 -12.56 -23.75 22.58
CA ASP A 193 -13.81 -24.37 23.06
C ASP A 193 -14.49 -25.14 21.94
N ASP A 194 -14.14 -24.92 20.67
CA ASP A 194 -14.93 -25.49 19.53
C ASP A 194 -14.03 -26.04 18.41
N THR A 195 -12.73 -26.29 18.63
CA THR A 195 -11.81 -26.75 17.56
C THR A 195 -11.26 -28.14 17.88
N GLU A 196 -11.42 -29.09 16.94
CA GLU A 196 -11.17 -30.55 17.12
C GLU A 196 -9.85 -30.95 16.46
N GLN A 197 -9.31 -30.15 15.55
CA GLN A 197 -8.18 -30.55 14.68
C GLN A 197 -7.07 -29.49 14.75
N GLY A 198 -5.91 -29.84 14.19
CA GLY A 198 -4.72 -29.00 14.09
C GLY A 198 -4.24 -28.52 15.44
N LEU A 199 -3.39 -27.52 15.44
CA LEU A 199 -2.72 -27.11 16.68
C LEU A 199 -3.76 -26.70 17.73
N ILE A 200 -4.77 -25.90 17.40
CA ILE A 200 -5.74 -25.41 18.44
C ILE A 200 -6.49 -26.61 19.04
N GLY A 201 -6.92 -27.57 18.22
CA GLY A 201 -7.45 -28.88 18.65
C GLY A 201 -6.53 -29.59 19.64
N ASP A 202 -5.24 -29.69 19.32
CA ASP A 202 -4.21 -30.30 20.19
C ASP A 202 -4.18 -29.57 21.54
N LEU A 203 -4.08 -28.24 21.52
CA LEU A 203 -3.98 -27.39 22.74
C LEU A 203 -5.24 -27.57 23.56
N ALA A 204 -6.41 -27.62 22.92
CA ALA A 204 -7.70 -27.81 23.60
C ALA A 204 -7.66 -29.15 24.33
N LYS A 205 -7.03 -30.17 23.76
CA LYS A 205 -6.97 -31.52 24.42
C LYS A 205 -6.04 -31.47 25.63
N LEU A 206 -4.96 -30.70 25.59
CA LEU A 206 -4.01 -30.57 26.72
C LEU A 206 -4.60 -29.76 27.87
N ARG A 207 -5.46 -28.79 27.58
CA ARG A 207 -5.99 -27.85 28.59
C ARG A 207 -6.80 -28.65 29.63
N GLY A 208 -6.58 -28.38 30.92
CA GLY A 208 -7.28 -29.01 32.06
C GLY A 208 -6.82 -30.43 32.35
N THR A 209 -5.72 -30.91 31.77
CA THR A 209 -5.18 -32.27 32.02
C THR A 209 -3.88 -32.17 32.82
N GLU A 210 -3.45 -33.30 33.39
CA GLU A 210 -2.33 -33.32 34.37
C GLU A 210 -1.06 -32.84 33.68
N GLY A 211 -0.32 -31.99 34.37
CA GLY A 211 0.95 -31.42 33.89
C GLY A 211 0.74 -30.09 33.18
N TYR A 212 -0.51 -29.67 32.93
CA TYR A 212 -0.81 -28.41 32.20
C TYR A 212 -1.59 -27.42 33.07
N GLU A 213 -1.59 -27.61 34.39
CA GLU A 213 -2.28 -26.74 35.37
C GLU A 213 -1.75 -25.30 35.32
N HIS A 214 -0.48 -25.11 34.94
CA HIS A 214 0.22 -23.80 34.93
C HIS A 214 -0.02 -23.04 33.61
N VAL A 215 -0.75 -23.63 32.65
CA VAL A 215 -1.04 -22.97 31.35
C VAL A 215 -2.43 -22.32 31.41
N SER A 216 -2.43 -20.98 31.42
CA SER A 216 -3.68 -20.18 31.30
C SER A 216 -4.27 -20.31 29.89
N ASP A 217 -5.54 -19.94 29.78
CA ASP A 217 -6.24 -19.77 28.49
C ASP A 217 -5.46 -18.74 27.66
N GLU A 218 -4.99 -17.69 28.31
CA GLU A 218 -4.25 -16.61 27.60
C GLU A 218 -2.96 -17.20 27.02
N MET A 219 -2.27 -18.07 27.76
CA MET A 219 -1.00 -18.67 27.30
C MET A 219 -1.28 -19.57 26.10
N PHE A 220 -2.35 -20.37 26.17
CA PHE A 220 -2.74 -21.24 25.03
C PHE A 220 -3.05 -20.37 23.81
N ALA A 221 -3.91 -19.36 23.98
CA ALA A 221 -4.30 -18.42 22.90
C ALA A 221 -3.07 -17.73 22.32
N THR A 222 -2.08 -17.39 23.14
CA THR A 222 -0.87 -16.67 22.68
C THR A 222 -0.10 -17.56 21.70
N VAL A 223 -0.16 -18.88 21.85
CA VAL A 223 0.47 -19.78 20.84
C VAL A 223 -0.24 -19.65 19.47
N GLY A 224 -1.56 -19.64 19.40
CA GLY A 224 -2.25 -19.48 18.11
C GLY A 224 -1.98 -18.12 17.50
N VAL A 225 -1.98 -17.06 18.30
CA VAL A 225 -1.86 -15.68 17.75
C VAL A 225 -0.43 -15.53 17.23
N THR A 226 0.57 -15.92 18.02
CA THR A 226 1.98 -15.66 17.68
C THR A 226 2.40 -16.51 16.49
N LEU A 227 1.91 -17.75 16.36
CA LEU A 227 2.35 -18.65 15.27
C LEU A 227 1.63 -18.23 13.99
N PHE A 228 0.36 -17.84 14.07
CA PHE A 228 -0.32 -17.28 12.89
C PHE A 228 0.47 -16.05 12.41
N GLY A 229 0.79 -15.15 13.33
CA GLY A 229 1.42 -13.87 12.94
C GLY A 229 2.81 -14.04 12.39
N ALA A 230 3.70 -14.73 13.13
CA ALA A 230 5.11 -14.93 12.72
C ALA A 230 5.12 -15.79 11.45
N GLY A 231 4.26 -16.81 11.35
CA GLY A 231 4.28 -17.71 10.18
C GLY A 231 3.83 -16.98 8.93
N VAL A 232 2.71 -16.28 9.03
CA VAL A 232 2.06 -15.63 7.87
C VAL A 232 2.95 -14.49 7.37
N ILE A 233 3.52 -13.67 8.25
CA ILE A 233 4.32 -12.50 7.79
C ILE A 233 5.61 -12.98 7.12
N SER A 234 6.22 -14.07 7.60
CA SER A 234 7.53 -14.56 7.09
C SER A 234 7.30 -15.33 5.78
N THR A 235 6.25 -16.17 5.74
CA THR A 235 5.95 -16.96 4.53
C THR A 235 5.45 -16.03 3.42
N ALA A 236 4.43 -15.21 3.68
CA ALA A 236 3.89 -14.30 2.65
C ALA A 236 4.98 -13.29 2.26
N GLY A 237 5.80 -12.83 3.22
CA GLY A 237 6.88 -11.87 2.99
C GLY A 237 7.96 -12.44 2.11
N PHE A 238 8.43 -13.65 2.44
CA PHE A 238 9.44 -14.33 1.63
C PHE A 238 8.92 -14.57 0.21
N LEU A 239 7.72 -15.13 0.05
CA LEU A 239 7.20 -15.58 -1.26
C LEU A 239 7.00 -14.35 -2.13
N ALA A 240 6.50 -13.25 -1.55
CA ALA A 240 6.38 -12.01 -2.36
C ALA A 240 7.76 -11.57 -2.84
N MET A 241 8.76 -11.56 -1.97
CA MET A 241 10.10 -11.06 -2.32
C MET A 241 10.87 -12.10 -3.12
N ALA A 242 10.48 -13.38 -3.09
CA ALA A 242 11.07 -14.39 -4.00
C ALA A 242 10.54 -14.08 -5.42
N LEU A 243 9.27 -13.74 -5.52
CA LEU A 243 8.68 -13.31 -6.83
C LEU A 243 9.33 -12.00 -7.30
N VAL A 244 9.66 -11.06 -6.41
CA VAL A 244 10.38 -9.82 -6.82
C VAL A 244 11.74 -10.25 -7.40
N THR A 245 12.45 -11.18 -6.74
CA THR A 245 13.75 -11.65 -7.27
C THR A 245 13.56 -12.24 -8.67
N LEU A 246 12.57 -13.10 -8.86
CA LEU A 246 12.39 -13.82 -10.14
C LEU A 246 11.92 -12.82 -11.20
N LEU A 247 11.07 -11.87 -10.83
CA LEU A 247 10.58 -10.84 -11.79
C LEU A 247 11.69 -9.86 -12.19
N THR A 248 12.74 -9.65 -11.38
CA THR A 248 13.91 -8.83 -11.76
C THR A 248 14.97 -9.69 -12.51
N HIS A 249 14.82 -11.01 -12.57
CA HIS A 249 15.72 -11.94 -13.30
C HIS A 249 14.88 -12.88 -14.18
N PRO A 250 14.14 -12.33 -15.16
CA PRO A 250 13.16 -13.11 -15.92
C PRO A 250 13.74 -14.26 -16.75
N GLU A 251 15.00 -14.16 -17.18
CA GLU A 251 15.69 -15.26 -17.89
C GLU A 251 15.86 -16.43 -16.91
N GLU A 252 16.28 -16.13 -15.68
CA GLU A 252 16.46 -17.17 -14.62
C GLU A 252 15.07 -17.73 -14.27
N ALA A 253 14.04 -16.89 -14.17
CA ALA A 253 12.65 -17.33 -13.87
C ALA A 253 12.16 -18.27 -14.98
N ASP A 254 12.41 -17.92 -16.23
CA ASP A 254 12.08 -18.80 -17.37
C ASP A 254 12.82 -20.15 -17.25
N HIS A 255 14.10 -20.13 -16.90
CA HIS A 255 14.93 -21.36 -16.78
C HIS A 255 14.28 -22.27 -15.71
N LEU A 256 14.00 -21.71 -14.56
CA LEU A 256 13.38 -22.50 -13.45
C LEU A 256 12.01 -23.04 -13.88
N ALA A 257 11.19 -22.28 -14.62
CA ALA A 257 9.90 -22.82 -15.11
C ALA A 257 10.12 -24.06 -15.99
N ASP A 258 11.19 -24.10 -16.79
CA ASP A 258 11.43 -25.23 -17.72
C ASP A 258 12.14 -26.37 -16.96
N HIS A 259 12.67 -26.13 -15.76
CA HIS A 259 13.43 -27.14 -14.96
C HIS A 259 12.88 -27.20 -13.55
N PRO A 260 11.63 -27.67 -13.38
CA PRO A 260 11.03 -27.72 -12.05
C PRO A 260 11.78 -28.61 -11.04
N GLU A 261 12.63 -29.52 -11.52
CA GLU A 261 13.51 -30.38 -10.68
C GLU A 261 14.51 -29.50 -9.92
N LEU A 262 14.77 -28.27 -10.39
CA LEU A 262 15.71 -27.37 -9.67
C LEU A 262 15.05 -26.74 -8.45
N MET A 263 13.74 -26.90 -8.25
CA MET A 263 13.04 -25.99 -7.30
C MET A 263 13.64 -26.05 -5.90
N PRO A 264 14.00 -27.22 -5.32
CA PRO A 264 14.55 -27.24 -3.96
C PRO A 264 15.83 -26.42 -3.80
N GLN A 265 16.76 -26.54 -4.74
CA GLN A 265 18.00 -25.73 -4.79
C GLN A 265 17.66 -24.26 -5.05
N ALA A 266 16.69 -24.02 -5.92
CA ALA A 266 16.22 -22.67 -6.28
C ALA A 266 15.73 -21.95 -5.02
N VAL A 267 14.95 -22.64 -4.18
CA VAL A 267 14.43 -21.99 -2.94
C VAL A 267 15.60 -21.67 -2.00
N ASP A 268 16.64 -22.49 -1.94
CA ASP A 268 17.80 -22.13 -1.08
C ASP A 268 18.46 -20.84 -1.60
N GLU A 269 18.63 -20.70 -2.91
CA GLU A 269 19.33 -19.50 -3.47
C GLU A 269 18.39 -18.28 -3.35
N LEU A 270 17.08 -18.46 -3.51
CA LEU A 270 16.10 -17.36 -3.29
C LEU A 270 16.12 -16.92 -1.83
N LEU A 271 16.21 -17.87 -0.89
CA LEU A 271 16.40 -17.49 0.54
C LEU A 271 17.71 -16.72 0.71
N ARG A 272 18.80 -17.15 0.08
CA ARG A 272 20.10 -16.50 0.31
C ARG A 272 20.00 -15.05 -0.20
N ILE A 273 19.38 -14.85 -1.36
CA ILE A 273 19.41 -13.53 -2.07
C ILE A 273 18.25 -12.64 -1.60
N ASN A 274 17.38 -13.13 -0.71
CA ASN A 274 16.08 -12.49 -0.40
C ASN A 274 16.30 -11.14 0.32
N LEU A 275 15.51 -10.11 0.00
CA LEU A 275 15.65 -8.78 0.67
C LEU A 275 14.44 -8.49 1.57
N SER A 276 13.67 -9.50 1.96
CA SER A 276 12.45 -9.27 2.76
C SER A 276 12.77 -8.79 4.19
N ILE A 277 13.93 -9.04 4.77
CA ILE A 277 14.21 -8.60 6.17
C ILE A 277 14.55 -7.12 6.15
N GLY A 278 13.71 -6.28 6.76
CA GLY A 278 13.87 -4.83 6.71
C GLY A 278 14.41 -4.25 8.00
N ASP A 279 14.78 -5.08 8.96
CA ASP A 279 15.33 -4.62 10.26
C ASP A 279 16.53 -5.54 10.59
N GLY A 280 16.97 -5.53 11.83
CA GLY A 280 18.05 -6.40 12.33
C GLY A 280 17.45 -7.46 13.23
N LEU A 281 18.15 -8.57 13.42
CA LEU A 281 17.77 -9.52 14.47
C LEU A 281 18.38 -9.00 15.76
N PRO A 282 17.56 -8.64 16.77
CA PRO A 282 18.08 -8.00 17.97
C PRO A 282 18.59 -8.99 19.02
N ARG A 283 19.63 -8.55 19.72
CA ARG A 283 20.30 -9.31 20.79
C ARG A 283 20.84 -8.29 21.78
N LEU A 284 20.61 -8.48 23.07
CA LEU A 284 21.24 -7.61 24.09
C LEU A 284 22.50 -8.32 24.63
N ALA A 285 23.63 -7.59 24.70
CA ALA A 285 24.91 -8.05 25.29
C ALA A 285 24.73 -8.17 26.82
N MET A 286 24.66 -9.41 27.29
CA MET A 286 24.55 -9.76 28.73
C MET A 286 25.92 -9.71 29.40
N GLU A 287 27.02 -9.49 28.68
CA GLU A 287 28.30 -9.10 29.35
C GLU A 287 29.23 -8.42 28.33
N ASP A 288 30.32 -7.83 28.84
CA ASP A 288 31.38 -7.20 28.02
C ASP A 288 31.91 -8.25 27.06
N MET A 289 32.06 -7.92 25.78
CA MET A 289 32.49 -8.91 24.75
C MET A 289 33.13 -8.20 23.57
N THR A 290 34.22 -8.78 23.06
CA THR A 290 34.90 -8.33 21.83
C THR A 290 34.14 -8.93 20.65
N LEU A 291 33.77 -8.10 19.69
CA LEU A 291 33.13 -8.52 18.42
C LEU A 291 33.91 -7.87 17.27
N GLY A 292 34.74 -8.65 16.56
CA GLY A 292 35.73 -8.10 15.63
C GLY A 292 36.59 -7.05 16.32
N GLU A 293 36.65 -5.84 15.78
CA GLU A 293 37.50 -4.73 16.31
C GLU A 293 36.70 -3.84 17.28
N VAL A 294 35.48 -4.26 17.69
CA VAL A 294 34.61 -3.43 18.58
C VAL A 294 34.47 -4.10 19.96
N GLU A 295 34.58 -3.29 21.02
CA GLU A 295 34.30 -3.66 22.44
C GLU A 295 32.83 -3.38 22.77
N VAL A 296 31.98 -4.41 22.74
CA VAL A 296 30.53 -4.32 23.06
C VAL A 296 30.38 -4.35 24.59
N LYS A 297 29.77 -3.33 25.19
CA LYS A 297 29.63 -3.27 26.68
C LYS A 297 28.33 -4.00 27.05
N LYS A 298 28.28 -4.56 28.26
CA LYS A 298 27.03 -5.14 28.83
C LYS A 298 25.89 -4.14 28.67
N GLY A 299 24.73 -4.59 28.21
CA GLY A 299 23.50 -3.78 28.17
C GLY A 299 23.27 -3.13 26.82
N GLU A 300 24.28 -3.18 25.92
CA GLU A 300 24.25 -2.55 24.57
C GLU A 300 23.46 -3.46 23.62
N LEU A 301 22.71 -2.85 22.71
CA LEU A 301 21.92 -3.56 21.68
C LEU A 301 22.83 -3.85 20.49
N VAL A 302 22.74 -5.08 20.01
CA VAL A 302 23.42 -5.61 18.82
C VAL A 302 22.34 -6.01 17.82
N LEU A 303 22.49 -5.54 16.59
CA LEU A 303 21.58 -5.82 15.47
C LEU A 303 22.36 -6.66 14.46
N VAL A 304 21.92 -7.89 14.29
CA VAL A 304 22.45 -8.83 13.28
C VAL A 304 21.75 -8.55 11.95
N LEU A 305 22.53 -8.34 10.90
CA LEU A 305 22.02 -8.07 9.54
C LEU A 305 22.20 -9.29 8.63
N PRO A 306 21.16 -10.12 8.47
CA PRO A 306 21.27 -11.32 7.64
C PRO A 306 21.66 -11.01 6.19
N GLU A 307 21.23 -9.88 5.60
CA GLU A 307 21.56 -9.58 4.18
C GLU A 307 23.05 -9.22 4.11
N GLY A 308 23.63 -8.69 5.16
CA GLY A 308 25.08 -8.45 5.16
C GLY A 308 25.83 -9.79 5.02
N ALA A 309 25.46 -10.77 5.81
CA ALA A 309 26.12 -12.09 5.78
C ALA A 309 25.83 -12.73 4.42
N ASN A 310 24.60 -12.66 3.94
CA ASN A 310 24.17 -13.40 2.73
C ASN A 310 24.73 -12.81 1.45
N PHE A 311 25.27 -11.58 1.51
CA PHE A 311 25.92 -10.91 0.37
C PHE A 311 27.40 -10.66 0.68
N ASP A 312 27.94 -11.42 1.66
CA ASP A 312 29.38 -11.34 1.99
C ASP A 312 30.13 -12.05 0.87
N PRO A 313 30.93 -11.34 0.04
CA PRO A 313 31.58 -11.99 -1.11
C PRO A 313 32.68 -13.00 -0.67
N SER A 314 33.15 -12.93 0.57
CA SER A 314 34.19 -13.87 1.07
C SER A 314 33.56 -15.24 1.37
N VAL A 315 32.23 -15.36 1.41
CA VAL A 315 31.52 -16.66 1.58
C VAL A 315 30.69 -16.96 0.33
N PHE A 316 30.04 -15.95 -0.26
CA PHE A 316 29.19 -16.13 -1.45
C PHE A 316 29.78 -15.32 -2.60
N PRO A 317 30.82 -15.84 -3.25
CA PRO A 317 31.44 -15.19 -4.41
C PRO A 317 30.37 -14.72 -5.41
N ASP A 318 30.55 -13.50 -5.95
CA ASP A 318 29.59 -12.85 -6.89
C ASP A 318 28.21 -12.87 -6.22
N PRO A 319 28.08 -12.26 -5.02
CA PRO A 319 26.87 -12.41 -4.21
C PRO A 319 25.58 -11.84 -4.83
N HIS A 320 25.69 -10.93 -5.80
CA HIS A 320 24.50 -10.33 -6.45
C HIS A 320 23.97 -11.23 -7.56
N ARG A 321 24.69 -12.29 -7.90
CA ARG A 321 24.31 -13.17 -9.01
C ARG A 321 23.32 -14.20 -8.47
N LEU A 322 22.21 -14.38 -9.17
CA LEU A 322 21.18 -15.37 -8.83
C LEU A 322 21.57 -16.69 -9.51
N ASP A 323 22.19 -17.59 -8.74
CA ASP A 323 22.79 -18.85 -9.28
C ASP A 323 22.11 -20.02 -8.57
N PHE A 324 21.11 -20.65 -9.20
CA PHE A 324 20.25 -21.65 -8.53
C PHE A 324 21.11 -22.82 -8.05
N THR A 325 22.24 -23.07 -8.69
CA THR A 325 23.14 -24.21 -8.41
C THR A 325 24.36 -23.78 -7.56
N ARG A 326 24.31 -22.62 -6.93
CA ARG A 326 25.33 -22.20 -5.93
C ARG A 326 25.49 -23.31 -4.87
N ALA A 327 26.69 -23.87 -4.73
CA ALA A 327 26.94 -25.08 -3.89
C ALA A 327 26.55 -24.80 -2.44
N ASN A 328 26.76 -23.58 -1.92
CA ASN A 328 26.63 -23.28 -0.46
C ASN A 328 25.43 -22.35 -0.18
N SER A 329 24.44 -22.29 -1.07
CA SER A 329 23.20 -21.51 -0.88
C SER A 329 22.67 -21.75 0.53
N SER A 330 22.66 -23.00 0.96
CA SER A 330 21.93 -23.35 2.20
C SER A 330 22.72 -22.91 3.43
N ALA A 331 23.87 -22.26 3.27
CA ALA A 331 24.66 -21.66 4.37
C ALA A 331 24.19 -20.23 4.71
N HIS A 332 23.05 -19.80 4.17
CA HIS A 332 22.50 -18.44 4.38
C HIS A 332 21.99 -18.28 5.81
N PHE A 333 21.75 -17.02 6.20
CA PHE A 333 21.21 -16.64 7.54
C PHE A 333 19.78 -16.10 7.48
N SER A 334 19.00 -16.41 6.45
CA SER A 334 17.61 -15.91 6.26
C SER A 334 16.65 -16.62 7.24
N PHE A 335 17.07 -17.73 7.85
CA PHE A 335 16.29 -18.34 8.96
C PHE A 335 16.97 -18.12 10.30
N GLY A 336 17.91 -17.18 10.36
CA GLY A 336 18.72 -16.96 11.57
C GLY A 336 19.72 -18.10 11.80
N GLY A 337 20.07 -18.32 13.07
CA GLY A 337 21.11 -19.30 13.46
C GLY A 337 21.16 -19.50 14.98
N GLY A 338 21.91 -20.48 15.43
CA GLY A 338 22.10 -20.77 16.86
C GLY A 338 20.77 -21.13 17.54
N SER A 339 20.61 -20.72 18.79
CA SER A 339 19.47 -21.12 19.65
C SER A 339 18.12 -20.65 19.11
N HIS A 340 18.04 -19.53 18.37
CA HIS A 340 16.72 -19.00 17.93
C HIS A 340 16.49 -19.31 16.45
N TYR A 341 17.28 -20.21 15.88
CA TYR A 341 17.08 -20.71 14.50
C TYR A 341 15.59 -21.00 14.30
N CYS A 342 15.05 -20.48 13.20
CA CYS A 342 13.62 -20.65 12.86
C CYS A 342 13.21 -22.11 13.02
N PRO A 343 12.13 -22.40 13.79
CA PRO A 343 11.75 -23.80 14.03
C PRO A 343 10.95 -24.38 12.86
N ALA A 344 10.58 -23.54 11.88
CA ALA A 344 9.61 -23.85 10.83
C ALA A 344 10.27 -23.85 9.44
N THR A 345 11.61 -24.08 9.35
CA THR A 345 12.36 -24.06 8.07
C THR A 345 11.79 -25.11 7.11
N ALA A 346 11.44 -26.30 7.59
CA ALA A 346 10.98 -27.34 6.67
C ALA A 346 9.70 -26.87 6.00
N LEU A 347 8.76 -26.36 6.78
CA LEU A 347 7.46 -25.87 6.26
C LEU A 347 7.69 -24.67 5.35
N GLY A 348 8.47 -23.69 5.81
CA GLY A 348 8.77 -22.50 5.01
C GLY A 348 9.33 -22.88 3.66
N LYS A 349 10.35 -23.75 3.64
CA LYS A 349 10.92 -24.22 2.35
C LYS A 349 9.84 -24.94 1.52
N LYS A 350 9.03 -25.83 2.11
CA LYS A 350 8.08 -26.64 1.32
C LYS A 350 6.93 -25.78 0.75
N HIS A 351 6.40 -24.90 1.57
CA HIS A 351 5.38 -23.88 1.18
C HIS A 351 5.88 -23.08 -0.03
N ALA A 352 7.10 -22.55 0.05
CA ALA A 352 7.68 -21.78 -1.06
C ALA A 352 7.84 -22.65 -2.32
N GLU A 353 8.33 -23.88 -2.19
CA GLU A 353 8.53 -24.78 -3.35
C GLU A 353 7.18 -25.00 -4.02
N ILE A 354 6.15 -25.25 -3.25
CA ILE A 354 4.85 -25.63 -3.85
C ILE A 354 4.30 -24.38 -4.53
N GLY A 355 4.43 -23.24 -3.86
CA GLY A 355 3.82 -21.99 -4.32
C GLY A 355 4.46 -21.54 -5.62
N LEU A 356 5.79 -21.50 -5.60
CA LEU A 356 6.61 -21.11 -6.80
C LEU A 356 6.40 -22.09 -7.94
N ARG A 357 6.38 -23.40 -7.70
CA ARG A 357 6.11 -24.35 -8.79
C ARG A 357 4.76 -24.07 -9.43
N ALA A 358 3.71 -23.83 -8.63
CA ALA A 358 2.33 -23.69 -9.16
C ALA A 358 2.28 -22.46 -10.08
N VAL A 359 2.91 -21.38 -9.64
CA VAL A 359 2.92 -20.11 -10.40
C VAL A 359 3.66 -20.32 -11.73
N LEU A 360 4.89 -20.85 -11.69
CA LEU A 360 5.77 -20.98 -12.88
C LEU A 360 5.25 -22.03 -13.86
N ALA A 361 4.57 -23.07 -13.41
CA ALA A 361 4.01 -24.13 -14.30
C ALA A 361 2.84 -23.60 -15.14
N ALA A 362 2.12 -22.59 -14.65
CA ALA A 362 0.80 -22.18 -15.19
C ALA A 362 0.89 -20.80 -15.85
N MET A 363 1.86 -19.96 -15.47
CA MET A 363 2.01 -18.57 -15.98
C MET A 363 3.29 -18.48 -16.80
N PRO A 364 3.23 -18.80 -18.10
CA PRO A 364 4.44 -18.78 -18.91
C PRO A 364 5.00 -17.35 -19.08
N ARG A 365 6.32 -17.23 -19.07
CA ARG A 365 7.02 -15.94 -19.29
C ARG A 365 6.39 -14.90 -18.38
N LEU A 366 6.35 -15.22 -17.10
CA LEU A 366 5.87 -14.31 -16.05
C LEU A 366 6.72 -13.03 -16.04
N ARG A 367 6.07 -11.87 -16.09
CA ARG A 367 6.81 -10.59 -16.13
C ARG A 367 6.07 -9.58 -15.25
N LEU A 368 6.83 -8.68 -14.63
CA LEU A 368 6.32 -7.44 -14.00
C LEU A 368 5.57 -6.61 -15.06
N ALA A 369 4.36 -6.16 -14.72
CA ALA A 369 3.39 -5.48 -15.60
C ALA A 369 3.53 -3.96 -15.45
N VAL A 370 4.39 -3.52 -14.55
CA VAL A 370 4.73 -2.08 -14.35
C VAL A 370 6.24 -1.95 -14.35
N PRO A 371 6.79 -0.79 -14.72
CA PRO A 371 8.20 -0.50 -14.53
C PRO A 371 8.56 -0.84 -13.08
N VAL A 372 9.75 -1.38 -12.88
CA VAL A 372 10.17 -1.91 -11.55
C VAL A 372 10.25 -0.73 -10.56
N GLU A 373 10.57 0.50 -11.02
CA GLU A 373 10.66 1.68 -10.12
C GLU A 373 9.28 2.30 -9.86
N GLN A 374 8.21 1.74 -10.42
CA GLN A 374 6.82 2.11 -10.06
C GLN A 374 6.22 1.18 -8.99
N LEU A 375 6.95 0.23 -8.42
CA LEU A 375 6.44 -0.49 -7.24
C LEU A 375 6.38 0.47 -6.06
N VAL A 376 5.37 0.32 -5.21
CA VAL A 376 5.27 1.10 -3.94
C VAL A 376 5.81 0.25 -2.78
N TRP A 377 6.87 0.70 -2.10
CA TRP A 377 7.49 -0.09 -0.99
C TRP A 377 6.86 0.31 0.34
N ARG A 378 6.44 -0.68 1.09
CA ARG A 378 5.94 -0.47 2.47
C ARG A 378 7.07 0.12 3.33
N THR A 379 6.77 1.15 4.08
CA THR A 379 7.73 1.80 5.00
C THR A 379 7.37 1.45 6.46
N GLY A 380 8.28 1.70 7.39
CA GLY A 380 8.08 1.59 8.84
C GLY A 380 7.69 0.19 9.24
N PHE A 381 8.23 -0.84 8.59
CA PHE A 381 7.73 -2.23 8.74
C PHE A 381 8.89 -3.22 8.84
N MET A 382 8.68 -4.29 9.58
CA MET A 382 9.72 -5.31 9.80
C MET A 382 10.21 -5.90 8.46
N LYS A 383 9.32 -6.04 7.47
CA LYS A 383 9.67 -6.69 6.18
C LYS A 383 9.78 -5.62 5.11
N ARG A 384 10.61 -5.80 4.09
CA ARG A 384 10.48 -5.02 2.83
C ARG A 384 9.46 -5.74 1.96
N LEU A 385 8.51 -5.05 1.40
CA LEU A 385 7.36 -5.69 0.74
C LEU A 385 6.78 -4.68 -0.24
N PRO A 386 6.52 -5.02 -1.51
CA PRO A 386 5.77 -4.13 -2.39
C PRO A 386 4.28 -4.17 -2.00
N GLU A 387 3.62 -3.00 -1.99
CA GLU A 387 2.20 -2.95 -1.55
C GLU A 387 1.37 -3.74 -2.56
N ARG A 388 1.69 -3.65 -3.85
CA ARG A 388 1.06 -4.46 -4.92
C ARG A 388 2.19 -4.99 -5.79
N LEU A 389 1.99 -6.14 -6.42
CA LEU A 389 2.99 -6.77 -7.30
C LEU A 389 2.28 -7.16 -8.58
N PRO A 390 2.07 -6.22 -9.51
CA PRO A 390 1.29 -6.55 -10.69
C PRO A 390 2.11 -7.31 -11.72
N VAL A 391 1.53 -8.41 -12.21
CA VAL A 391 2.28 -9.34 -13.12
C VAL A 391 1.37 -9.62 -14.29
N MET A 392 2.02 -10.01 -15.39
CA MET A 392 1.39 -10.48 -16.64
C MET A 392 2.17 -11.73 -17.12
N TRP A 393 1.59 -12.43 -18.07
CA TRP A 393 2.18 -13.71 -18.53
C TRP A 393 1.68 -14.01 -19.93
N GLY A 394 2.46 -14.79 -20.67
CA GLY A 394 2.19 -15.16 -22.06
C GLY A 394 1.06 -16.17 -22.17
N SER A 395 0.84 -16.68 -23.36
CA SER A 395 -0.23 -17.66 -23.64
C SER A 395 0.36 -19.07 -23.72
N GLY A 396 -0.54 -20.06 -23.82
CA GLY A 396 -0.24 -21.50 -23.95
C GLY A 396 -0.17 -22.15 -22.59
N ILE B 8 19.50 21.61 -11.24
CA ILE B 8 18.07 21.79 -11.62
C ILE B 8 17.18 21.04 -10.62
N LEU B 9 15.98 21.56 -10.36
CA LEU B 9 15.04 21.10 -9.31
C LEU B 9 14.14 19.99 -9.86
N ASP B 10 14.15 18.82 -9.22
CA ASP B 10 13.20 17.73 -9.58
C ASP B 10 11.82 18.03 -9.00
N PHE B 11 10.79 17.76 -9.79
CA PHE B 11 9.38 17.81 -9.41
C PHE B 11 8.73 16.46 -9.72
N PRO B 12 7.89 15.86 -8.83
CA PRO B 12 7.39 16.44 -7.58
C PRO B 12 8.40 16.39 -6.44
N PHE B 13 8.04 16.89 -5.25
CA PHE B 13 8.99 17.06 -4.13
C PHE B 13 8.88 15.92 -3.11
N THR B 14 7.66 15.54 -2.75
CA THR B 14 7.42 14.44 -1.78
C THR B 14 6.03 13.82 -1.93
N TRP B 15 5.84 12.53 -1.63
CA TRP B 15 4.48 11.93 -1.68
C TRP B 15 3.85 11.85 -0.26
N ASP B 16 4.60 12.32 0.75
CA ASP B 16 4.21 12.43 2.18
C ASP B 16 3.20 13.58 2.30
N GLY B 17 1.97 13.28 2.70
CA GLY B 17 0.86 14.24 2.65
C GLY B 17 0.46 14.70 4.05
N THR B 18 1.33 14.49 5.03
CA THR B 18 1.19 14.92 6.45
C THR B 18 1.07 16.44 6.54
N HIS B 19 1.89 17.15 5.78
CA HIS B 19 1.98 18.63 5.83
C HIS B 19 2.55 19.12 4.51
N LEU B 20 2.39 20.42 4.24
CA LEU B 20 2.94 20.98 3.01
C LEU B 20 4.44 20.71 2.95
N PRO B 21 4.97 20.29 1.78
CA PRO B 21 6.41 20.12 1.60
C PRO B 21 7.14 21.42 1.94
N ALA B 22 8.27 21.34 2.63
CA ALA B 22 9.10 22.52 2.99
C ALA B 22 9.55 23.27 1.73
N GLN B 23 9.66 22.60 0.58
CA GLN B 23 10.14 23.24 -0.68
C GLN B 23 9.18 24.36 -1.07
N ILE B 24 7.88 24.18 -0.86
CA ILE B 24 6.85 25.09 -1.44
C ILE B 24 7.12 26.50 -0.92
N GLY B 25 7.40 26.65 0.38
CA GLY B 25 7.63 27.97 1.01
C GLY B 25 8.84 28.67 0.45
N GLU B 26 9.70 27.98 -0.29
CA GLU B 26 11.01 28.51 -0.74
C GLU B 26 10.96 28.81 -2.25
N LEU B 27 9.94 28.36 -2.96
CA LEU B 27 9.91 28.50 -4.44
C LEU B 27 9.76 29.98 -4.83
N ALA B 28 10.51 30.41 -5.84
CA ALA B 28 10.11 31.53 -6.71
C ALA B 28 8.74 31.22 -7.35
N PRO B 29 7.92 32.26 -7.61
CA PRO B 29 6.58 32.04 -8.15
C PRO B 29 6.53 31.19 -9.43
N VAL B 30 7.59 31.25 -10.25
CA VAL B 30 7.81 30.42 -11.47
C VAL B 30 9.26 29.92 -11.43
N VAL B 31 9.46 28.61 -11.52
CA VAL B 31 10.80 27.96 -11.44
C VAL B 31 10.86 26.85 -12.50
N LYS B 32 12.04 26.67 -13.06
CA LYS B 32 12.33 25.58 -14.01
C LYS B 32 12.45 24.29 -13.18
N VAL B 33 11.75 23.25 -13.58
CA VAL B 33 11.86 21.90 -12.92
C VAL B 33 12.13 20.84 -13.97
N ARG B 34 12.66 19.69 -13.53
CA ARG B 34 12.73 18.47 -14.34
C ARG B 34 11.58 17.55 -13.95
N THR B 35 10.80 17.09 -14.92
CA THR B 35 9.61 16.25 -14.64
C THR B 35 9.98 14.77 -14.50
N ILE B 36 9.01 13.97 -14.09
CA ILE B 36 9.19 12.50 -13.94
C ILE B 36 9.60 11.90 -15.30
N ALA B 37 9.08 12.45 -16.40
CA ALA B 37 9.34 12.01 -17.77
C ALA B 37 10.69 12.51 -18.28
N GLY B 38 11.33 13.38 -17.53
CA GLY B 38 12.68 13.87 -17.84
C GLY B 38 12.66 15.18 -18.62
N ALA B 39 11.49 15.76 -18.89
CA ALA B 39 11.34 17.03 -19.66
C ALA B 39 11.59 18.23 -18.74
N GLU B 40 11.81 19.40 -19.32
CA GLU B 40 11.79 20.70 -18.63
C GLU B 40 10.34 21.15 -18.56
N ALA B 41 9.97 21.77 -17.45
CA ALA B 41 8.69 22.47 -17.31
C ALA B 41 8.88 23.70 -16.41
N TRP B 42 7.91 24.58 -16.48
CA TRP B 42 7.81 25.77 -15.62
C TRP B 42 6.79 25.49 -14.53
N LEU B 43 7.26 25.45 -13.30
CA LEU B 43 6.41 25.20 -12.13
C LEU B 43 5.89 26.55 -11.63
N VAL B 44 4.58 26.68 -11.57
CA VAL B 44 3.91 27.96 -11.20
C VAL B 44 3.21 27.79 -9.86
N SER B 45 3.66 28.50 -8.84
CA SER B 45 3.26 28.30 -7.43
C SER B 45 2.67 29.52 -6.70
N SER B 46 2.72 30.76 -7.19
CA SER B 46 2.04 31.88 -6.48
C SER B 46 0.52 31.90 -6.83
N TYR B 47 -0.31 32.38 -5.91
CA TYR B 47 -1.79 32.47 -6.12
C TYR B 47 -2.01 33.25 -7.43
N GLU B 48 -1.38 34.42 -7.54
CA GLU B 48 -1.59 35.33 -8.69
C GLU B 48 -1.20 34.67 -10.02
N LEU B 49 -0.10 33.89 -10.08
CA LEU B 49 0.32 33.31 -11.38
C LEU B 49 -0.46 32.03 -11.64
N VAL B 50 -0.88 31.32 -10.58
CA VAL B 50 -1.77 30.13 -10.76
C VAL B 50 -3.06 30.62 -11.39
N LYS B 51 -3.57 31.75 -10.90
CA LYS B 51 -4.82 32.36 -11.39
C LYS B 51 -4.60 32.77 -12.85
N GLN B 52 -3.48 33.43 -13.12
CA GLN B 52 -3.19 33.98 -14.49
C GLN B 52 -3.16 32.82 -15.51
N VAL B 53 -2.51 31.70 -15.17
CA VAL B 53 -2.34 30.57 -16.11
C VAL B 53 -3.69 29.88 -16.32
N LEU B 54 -4.39 29.57 -15.23
CA LEU B 54 -5.64 28.78 -15.32
C LEU B 54 -6.70 29.56 -16.07
N GLU B 55 -6.66 30.89 -16.00
CA GLU B 55 -7.69 31.75 -16.64
C GLU B 55 -7.28 32.18 -18.06
N ASP B 56 -6.12 31.76 -18.57
CA ASP B 56 -5.66 32.12 -19.94
C ASP B 56 -5.53 30.86 -20.82
N ASP B 57 -6.41 30.74 -21.80
CA ASP B 57 -6.53 29.52 -22.65
C ASP B 57 -5.38 29.43 -23.66
N ARG B 58 -4.45 30.41 -23.71
CA ARG B 58 -3.19 30.29 -24.48
C ARG B 58 -2.26 29.29 -23.79
N PHE B 59 -2.53 28.96 -22.51
CA PHE B 59 -1.96 27.78 -21.83
C PHE B 59 -3.00 26.66 -21.92
N SER B 60 -2.78 25.70 -22.83
CA SER B 60 -3.77 24.72 -23.34
C SER B 60 -3.60 23.38 -22.60
N LEU B 61 -4.69 22.87 -22.02
CA LEU B 61 -4.67 21.50 -21.44
C LEU B 61 -4.70 20.46 -22.56
N LYS B 62 -5.60 20.61 -23.54
CA LYS B 62 -5.82 19.57 -24.58
C LYS B 62 -4.50 19.30 -25.31
N ASN B 63 -3.63 20.30 -25.53
CA ASN B 63 -2.38 20.15 -26.31
C ASN B 63 -1.30 19.43 -25.49
N THR B 64 -1.53 19.17 -24.20
CA THR B 64 -0.53 18.50 -23.34
C THR B 64 -0.38 17.03 -23.77
N SER B 65 -1.39 16.44 -24.42
CA SER B 65 -1.36 15.05 -24.95
C SER B 65 -0.99 14.99 -26.45
N ASP B 66 -0.59 16.09 -27.08
CA ASP B 66 -0.17 16.04 -28.49
C ASP B 66 1.05 15.12 -28.62
N PRO B 67 1.23 14.41 -29.76
CA PRO B 67 2.46 13.65 -30.04
C PRO B 67 3.74 14.48 -29.93
N GLY B 68 4.72 14.01 -29.15
CA GLY B 68 6.12 14.51 -29.11
C GLY B 68 6.33 15.74 -28.23
N VAL B 69 5.31 16.19 -27.51
CA VAL B 69 5.47 17.41 -26.67
C VAL B 69 6.06 17.01 -25.32
N PRO B 70 6.76 17.93 -24.62
CA PRO B 70 7.27 17.66 -23.30
C PRO B 70 6.10 17.22 -22.39
N ARG B 71 6.38 16.19 -21.59
CA ARG B 71 5.40 15.52 -20.69
C ARG B 71 5.87 15.55 -19.23
N GLN B 72 4.89 15.64 -18.35
CA GLN B 72 5.07 15.51 -16.89
C GLN B 72 5.41 14.04 -16.58
N TYR B 73 4.71 13.12 -17.23
CA TYR B 73 4.80 11.65 -17.01
C TYR B 73 4.02 10.98 -18.15
N ALA B 74 4.14 9.69 -18.28
CA ALA B 74 3.60 8.90 -19.42
C ALA B 74 2.08 8.91 -19.36
N LEU B 75 1.47 9.01 -20.54
CA LEU B 75 0.02 8.84 -20.76
C LEU B 75 -0.33 7.41 -20.44
N THR B 76 -1.47 7.16 -19.79
CA THR B 76 -1.94 5.78 -19.53
C THR B 76 -3.16 5.48 -20.39
N ILE B 77 -3.71 6.51 -21.04
CA ILE B 77 -4.77 6.31 -22.06
C ILE B 77 -4.07 6.07 -23.39
N PRO B 78 -4.45 5.04 -24.18
CA PRO B 78 -3.79 4.78 -25.45
C PRO B 78 -3.77 5.97 -26.41
N PRO B 79 -2.69 6.11 -27.23
CA PRO B 79 -2.55 7.21 -28.19
C PRO B 79 -3.73 7.36 -29.19
N GLU B 80 -4.21 6.24 -29.74
CA GLU B 80 -5.37 6.14 -30.68
C GLU B 80 -6.63 6.78 -30.08
N VAL B 81 -6.88 6.57 -28.79
CA VAL B 81 -8.10 7.08 -28.09
C VAL B 81 -7.94 8.58 -27.88
N VAL B 82 -6.75 9.05 -27.45
CA VAL B 82 -6.56 10.49 -27.06
C VAL B 82 -6.74 11.34 -28.34
N ASN B 83 -6.40 10.81 -29.52
CA ASN B 83 -6.58 11.53 -30.83
C ASN B 83 -8.07 11.60 -31.16
N ASN B 84 -8.76 10.45 -31.19
CA ASN B 84 -10.24 10.38 -31.40
C ASN B 84 -11.02 11.20 -30.36
N MET B 85 -10.37 11.77 -29.33
CA MET B 85 -11.05 12.61 -28.27
C MET B 85 -11.63 13.86 -28.91
N GLY B 86 -10.91 14.49 -29.85
CA GLY B 86 -11.30 15.73 -30.56
C GLY B 86 -12.77 15.76 -30.97
N ASN B 87 -13.26 14.70 -31.63
CA ASN B 87 -14.63 14.67 -32.21
C ASN B 87 -15.59 13.87 -31.30
N ILE B 88 -15.17 13.49 -30.09
CA ILE B 88 -16.12 13.20 -28.97
C ILE B 88 -16.75 14.54 -28.59
N THR B 89 -17.73 14.97 -29.39
CA THR B 89 -18.39 16.32 -29.35
C THR B 89 -19.89 16.16 -29.67
N GLY B 90 -20.61 17.28 -29.67
CA GLY B 90 -22.07 17.33 -29.89
C GLY B 90 -22.80 17.69 -28.60
N ALA B 91 -23.93 18.39 -28.72
CA ALA B 91 -24.81 18.75 -27.59
C ALA B 91 -24.98 17.53 -26.68
N GLY B 92 -25.69 16.51 -27.18
CA GLY B 92 -26.21 15.35 -26.41
C GLY B 92 -25.19 14.71 -25.47
N LEU B 93 -23.89 14.83 -25.76
CA LEU B 93 -22.83 14.10 -24.99
C LEU B 93 -22.45 14.87 -23.72
N ARG B 94 -21.99 16.12 -23.81
CA ARG B 94 -21.57 16.91 -22.62
C ARG B 94 -22.82 17.22 -21.79
N LYS B 95 -23.99 17.19 -22.42
CA LYS B 95 -25.32 17.38 -21.79
C LYS B 95 -25.63 16.18 -20.89
N ALA B 96 -25.49 14.96 -21.42
CA ALA B 96 -25.60 13.66 -20.72
C ALA B 96 -24.64 13.60 -19.53
N VAL B 97 -23.37 14.00 -19.72
CA VAL B 97 -22.37 13.97 -18.62
C VAL B 97 -22.84 14.97 -17.54
N MET B 98 -23.22 16.19 -17.93
CA MET B 98 -23.67 17.23 -16.96
C MET B 98 -24.87 16.76 -16.15
N LYS B 99 -25.83 16.12 -16.80
CA LYS B 99 -27.02 15.57 -16.16
C LYS B 99 -26.58 14.51 -15.15
N ALA B 100 -25.70 13.60 -15.58
CA ALA B 100 -25.23 12.49 -14.73
C ALA B 100 -24.57 13.01 -13.44
N ILE B 101 -23.80 14.08 -13.50
CA ILE B 101 -23.03 14.53 -12.30
C ILE B 101 -23.82 15.59 -11.49
N ASN B 102 -25.06 15.89 -11.85
CA ASN B 102 -25.90 16.84 -11.09
C ASN B 102 -26.26 16.18 -9.76
N PRO B 103 -25.84 16.71 -8.59
CA PRO B 103 -26.23 16.15 -7.30
C PRO B 103 -27.74 16.18 -7.02
N LYS B 104 -28.53 16.89 -7.81
CA LYS B 104 -30.02 16.90 -7.67
C LYS B 104 -30.66 15.81 -8.53
N ALA B 105 -29.89 14.99 -9.25
CA ALA B 105 -30.39 13.83 -10.02
C ALA B 105 -31.31 13.02 -9.12
N PRO B 106 -32.50 12.60 -9.63
CA PRO B 106 -33.53 12.00 -8.78
C PRO B 106 -32.96 10.86 -7.93
N GLY B 107 -33.14 10.96 -6.62
CA GLY B 107 -32.76 9.90 -5.67
C GLY B 107 -31.27 9.81 -5.35
N LEU B 108 -30.39 10.55 -6.04
CA LEU B 108 -28.92 10.45 -5.81
C LEU B 108 -28.53 10.91 -4.40
N GLN B 109 -29.13 11.98 -3.89
CA GLN B 109 -28.81 12.47 -2.52
C GLN B 109 -29.18 11.38 -1.51
N GLU B 110 -30.41 10.87 -1.64
CA GLU B 110 -31.00 9.86 -0.73
C GLU B 110 -30.04 8.66 -0.72
N TRP B 111 -29.57 8.26 -1.89
CA TRP B 111 -28.68 7.11 -2.11
C TRP B 111 -27.33 7.33 -1.40
N MET B 112 -26.74 8.53 -1.54
CA MET B 112 -25.45 8.87 -0.89
C MET B 112 -25.59 8.85 0.64
N GLU B 113 -26.66 9.45 1.16
CA GLU B 113 -26.91 9.49 2.63
C GLU B 113 -27.05 8.06 3.16
N GLU B 114 -27.85 7.22 2.48
CA GLU B 114 -28.13 5.81 2.86
C GLU B 114 -26.80 5.05 2.85
N HIS B 115 -26.02 5.18 1.76
CA HIS B 115 -24.83 4.32 1.59
C HIS B 115 -23.77 4.73 2.61
N ALA B 116 -23.58 6.03 2.83
CA ALA B 116 -22.62 6.51 3.84
C ALA B 116 -22.99 5.97 5.24
N ALA B 117 -24.27 6.01 5.60
CA ALA B 117 -24.78 5.52 6.91
C ALA B 117 -24.49 4.00 7.01
N GLU B 118 -24.79 3.24 5.96
CA GLU B 118 -24.56 1.78 5.92
C GLU B 118 -23.06 1.47 6.12
N LEU B 119 -22.16 2.16 5.42
CA LEU B 119 -20.69 1.90 5.51
C LEU B 119 -20.23 2.17 6.93
N VAL B 120 -20.71 3.25 7.52
CA VAL B 120 -20.29 3.66 8.88
C VAL B 120 -20.85 2.60 9.87
N GLU B 121 -22.07 2.08 9.67
CA GLU B 121 -22.64 1.05 10.58
C GLU B 121 -21.78 -0.22 10.50
N ARG B 122 -21.29 -0.59 9.30
CA ARG B 122 -20.39 -1.76 9.13
C ARG B 122 -19.07 -1.55 9.90
N MET B 123 -18.57 -0.32 9.98
N MET B 123 -18.55 -0.32 9.92
CA MET B 123 -17.29 -0.01 10.67
CA MET B 123 -17.31 -0.01 10.67
C MET B 123 -17.49 -0.08 12.20
C MET B 123 -17.56 -0.22 12.16
N LEU B 124 -18.65 0.35 12.68
CA LEU B 124 -19.03 0.31 14.12
C LEU B 124 -19.16 -1.14 14.58
N LYS B 125 -19.81 -1.96 13.75
CA LYS B 125 -20.03 -3.40 13.97
C LYS B 125 -18.67 -4.11 13.98
N HIS B 126 -17.73 -3.71 13.12
CA HIS B 126 -16.35 -4.28 13.04
C HIS B 126 -15.61 -4.00 14.35
N GLY B 127 -15.74 -2.80 14.88
CA GLY B 127 -15.00 -2.30 16.05
C GLY B 127 -13.66 -1.72 15.64
N ALA B 128 -13.09 -0.90 16.51
CA ALA B 128 -11.77 -0.30 16.29
C ALA B 128 -10.67 -1.34 16.45
N PRO B 129 -9.55 -1.23 15.70
CA PRO B 129 -9.34 -0.19 14.70
C PRO B 129 -9.87 -0.67 13.34
N VAL B 130 -10.11 0.26 12.42
CA VAL B 130 -10.54 -0.07 11.03
C VAL B 130 -9.67 0.78 10.09
N ASP B 131 -9.47 0.31 8.86
CA ASP B 131 -8.87 1.08 7.76
C ASP B 131 -10.03 1.89 7.16
N ILE B 132 -10.05 3.18 7.42
CA ILE B 132 -11.23 4.00 6.96
C ILE B 132 -11.18 4.19 5.45
N ARG B 133 -10.04 3.97 4.81
CA ARG B 133 -9.98 3.98 3.33
C ARG B 133 -10.73 2.76 2.76
N SER B 134 -10.29 1.53 3.05
CA SER B 134 -10.97 0.35 2.45
C SER B 134 -12.43 0.21 2.92
N MET B 135 -12.77 0.63 4.15
N MET B 135 -12.72 0.63 4.14
CA MET B 135 -14.18 0.44 4.65
CA MET B 135 -14.08 0.47 4.70
C MET B 135 -14.97 1.76 4.60
C MET B 135 -14.97 1.67 4.33
N PHE B 136 -14.43 2.85 4.09
CA PHE B 136 -15.30 4.03 3.83
C PHE B 136 -14.98 4.74 2.53
N THR B 137 -13.89 5.47 2.52
CA THR B 137 -13.64 6.51 1.51
C THR B 137 -13.62 5.83 0.14
N ASP B 138 -13.00 4.65 0.01
CA ASP B 138 -12.96 3.98 -1.32
C ASP B 138 -14.34 3.46 -1.75
N PRO B 139 -15.05 2.63 -0.95
CA PRO B 139 -16.35 2.12 -1.39
C PRO B 139 -17.42 3.21 -1.54
N PHE B 140 -17.38 4.26 -0.74
CA PHE B 140 -18.37 5.36 -0.85
C PHE B 140 -18.19 6.05 -2.22
N SER B 141 -16.96 6.34 -2.59
CA SER B 141 -16.59 6.93 -3.88
C SER B 141 -16.96 6.01 -5.05
N GLU B 142 -16.48 4.78 -5.04
CA GLU B 142 -16.72 3.83 -6.15
C GLU B 142 -18.21 3.57 -6.35
N ALA B 143 -18.95 3.33 -5.28
CA ALA B 143 -20.38 3.00 -5.40
C ALA B 143 -21.15 4.19 -5.99
N MET B 144 -20.80 5.42 -5.61
N MET B 144 -20.79 5.41 -5.61
CA MET B 144 -21.48 6.63 -6.12
CA MET B 144 -21.47 6.64 -6.10
C MET B 144 -21.28 6.72 -7.64
C MET B 144 -21.25 6.79 -7.61
N HIS B 145 -20.08 6.39 -8.13
CA HIS B 145 -19.79 6.46 -9.58
C HIS B 145 -20.54 5.36 -10.33
N CYS B 146 -20.72 4.17 -9.77
CA CYS B 146 -21.60 3.15 -10.37
C CYS B 146 -23.05 3.70 -10.43
N GLN B 147 -23.50 4.40 -9.40
CA GLN B 147 -24.88 4.91 -9.36
C GLN B 147 -25.07 5.92 -10.51
N ILE B 148 -24.16 6.87 -10.67
CA ILE B 148 -24.33 7.93 -11.71
C ILE B 148 -24.13 7.33 -13.10
N LEU B 149 -23.30 6.30 -13.26
CA LEU B 149 -23.13 5.61 -14.56
C LEU B 149 -24.38 4.79 -14.90
N GLY B 150 -25.07 4.28 -13.87
CA GLY B 150 -26.27 3.44 -14.05
C GLY B 150 -25.91 1.97 -14.13
N ILE B 151 -24.69 1.61 -13.76
CA ILE B 151 -24.21 0.20 -13.88
C ILE B 151 -24.35 -0.48 -12.51
N PRO B 152 -24.32 -1.84 -12.47
CA PRO B 152 -24.45 -2.58 -11.22
C PRO B 152 -23.31 -2.23 -10.24
N HIS B 153 -23.58 -2.12 -8.95
CA HIS B 153 -22.55 -1.73 -7.95
C HIS B 153 -21.50 -2.84 -7.77
N GLU B 154 -21.83 -4.06 -8.21
CA GLU B 154 -20.90 -5.23 -8.33
C GLU B 154 -19.66 -4.82 -9.14
N ALA B 155 -19.82 -3.96 -10.14
CA ALA B 155 -18.74 -3.53 -11.05
C ALA B 155 -17.68 -2.70 -10.32
N ALA B 156 -17.98 -2.10 -9.16
CA ALA B 156 -17.07 -1.17 -8.45
C ALA B 156 -15.67 -1.77 -8.30
N PRO B 157 -15.51 -2.95 -7.65
CA PRO B 157 -14.20 -3.55 -7.39
C PRO B 157 -13.39 -3.84 -8.66
N LEU B 158 -14.06 -4.42 -9.64
CA LEU B 158 -13.58 -4.69 -11.01
C LEU B 158 -12.94 -3.41 -11.59
N LEU B 159 -13.74 -2.38 -11.81
CA LEU B 159 -13.29 -1.10 -12.45
C LEU B 159 -12.30 -0.36 -11.56
N SER B 160 -12.47 -0.43 -10.25
CA SER B 160 -11.57 0.19 -9.27
C SER B 160 -10.18 -0.43 -9.25
N GLU B 161 -10.02 -1.71 -9.57
CA GLU B 161 -8.70 -2.35 -9.34
C GLU B 161 -7.72 -1.80 -10.40
N SER B 162 -8.21 -1.21 -11.50
CA SER B 162 -7.41 -0.50 -12.53
C SER B 162 -6.76 0.80 -12.02
N LEU B 163 -7.33 1.45 -11.02
CA LEU B 163 -7.03 2.88 -10.72
C LEU B 163 -5.66 3.11 -10.08
N PRO B 164 -5.12 2.20 -9.25
CA PRO B 164 -3.76 2.37 -8.73
C PRO B 164 -2.72 2.32 -9.85
N ILE B 165 -3.03 1.76 -11.01
CA ILE B 165 -2.08 1.76 -12.16
C ILE B 165 -2.44 2.90 -13.11
N ALA B 166 -3.74 3.09 -13.39
CA ALA B 166 -4.26 4.07 -14.36
C ALA B 166 -3.77 5.49 -13.99
N PHE B 167 -3.62 5.82 -12.71
CA PHE B 167 -3.22 7.18 -12.26
C PHE B 167 -1.81 7.19 -11.74
N MET B 168 -1.01 6.18 -12.12
CA MET B 168 0.46 6.23 -11.92
C MET B 168 1.04 7.40 -12.71
N ASN B 169 2.05 8.01 -12.12
CA ASN B 169 2.92 9.03 -12.74
C ASN B 169 4.28 8.37 -13.00
N SER B 170 4.46 7.79 -14.18
CA SER B 170 5.65 6.97 -14.53
C SER B 170 6.47 7.68 -15.61
N PRO B 171 7.83 7.58 -15.62
CA PRO B 171 8.63 8.13 -16.70
C PRO B 171 8.21 7.64 -18.09
N ARG B 172 7.81 6.37 -18.20
CA ARG B 172 7.50 5.71 -19.49
C ARG B 172 6.26 4.83 -19.35
N GLU B 173 5.79 4.35 -20.48
CA GLU B 173 4.52 3.62 -20.65
C GLU B 173 4.49 2.42 -19.70
N ILE B 174 3.28 2.13 -19.28
CA ILE B 174 2.96 1.05 -18.29
C ILE B 174 2.15 -0.01 -19.02
N PRO B 175 2.72 -1.20 -19.30
CA PRO B 175 1.96 -2.28 -19.96
C PRO B 175 0.59 -2.59 -19.34
N ALA B 176 0.53 -2.65 -18.00
CA ALA B 176 -0.68 -3.00 -17.24
C ALA B 176 -1.77 -1.98 -17.55
N ALA B 177 -1.38 -0.71 -17.76
CA ALA B 177 -2.38 0.35 -18.00
C ALA B 177 -3.11 0.05 -19.34
N ARG B 178 -2.40 -0.46 -20.33
CA ARG B 178 -2.98 -0.78 -21.64
C ARG B 178 -3.90 -2.01 -21.50
N LEU B 179 -3.47 -3.09 -20.79
CA LEU B 179 -4.33 -4.29 -20.67
C LEU B 179 -5.60 -3.93 -19.89
N ASN B 180 -5.46 -3.13 -18.84
CA ASN B 180 -6.58 -2.72 -17.96
C ASN B 180 -7.56 -1.85 -18.76
N TRP B 181 -7.02 -0.95 -19.57
CA TRP B 181 -7.84 -0.09 -20.45
C TRP B 181 -8.73 -0.94 -21.37
N ASP B 182 -8.18 -1.88 -22.09
CA ASP B 182 -8.93 -2.72 -23.06
C ASP B 182 -10.01 -3.51 -22.30
N ARG B 183 -9.70 -4.02 -21.11
CA ARG B 183 -10.69 -4.80 -20.32
C ARG B 183 -11.85 -3.88 -19.89
N ASP B 184 -11.55 -2.72 -19.34
CA ASP B 184 -12.55 -1.74 -18.84
C ASP B 184 -13.40 -1.20 -20.01
N ILE B 185 -12.79 -0.95 -21.17
CA ILE B 185 -13.55 -0.53 -22.38
C ILE B 185 -14.47 -1.68 -22.78
N ALA B 186 -14.03 -2.94 -22.70
CA ALA B 186 -14.83 -4.09 -23.14
C ALA B 186 -16.03 -4.20 -22.18
N TYR B 187 -15.78 -4.04 -20.89
CA TYR B 187 -16.87 -4.08 -19.87
C TYR B 187 -17.91 -3.00 -20.20
N MET B 188 -17.47 -1.76 -20.35
CA MET B 188 -18.39 -0.60 -20.53
C MET B 188 -19.12 -0.72 -21.87
N THR B 189 -18.46 -1.22 -22.92
CA THR B 189 -19.13 -1.49 -24.21
C THR B 189 -20.27 -2.48 -24.03
N ALA B 190 -20.09 -3.53 -23.22
CA ALA B 190 -21.15 -4.54 -22.96
C ALA B 190 -22.31 -3.85 -22.24
N ARG B 191 -22.04 -2.88 -21.36
CA ARG B 191 -23.08 -2.18 -20.56
C ARG B 191 -23.95 -1.30 -21.49
N LEU B 192 -23.43 -0.85 -22.64
CA LEU B 192 -24.23 -0.04 -23.61
C LEU B 192 -25.41 -0.88 -24.10
N ASP B 193 -25.33 -2.21 -24.02
CA ASP B 193 -26.38 -3.09 -24.59
C ASP B 193 -27.37 -3.54 -23.52
N ASP B 194 -27.16 -3.23 -22.24
CA ASP B 194 -28.03 -3.78 -21.17
C ASP B 194 -28.28 -2.75 -20.06
N THR B 195 -27.90 -1.50 -20.23
CA THR B 195 -28.08 -0.46 -19.19
C THR B 195 -29.18 0.51 -19.63
N GLU B 196 -30.20 0.69 -18.78
CA GLU B 196 -31.47 1.42 -19.11
C GLU B 196 -31.38 2.85 -18.56
N GLN B 197 -30.51 3.13 -17.58
CA GLN B 197 -30.54 4.34 -16.73
C GLN B 197 -29.13 4.93 -16.57
N GLY B 198 -29.05 6.11 -15.94
CA GLY B 198 -27.78 6.78 -15.66
C GLY B 198 -27.02 7.11 -16.93
N LEU B 199 -25.76 7.50 -16.80
CA LEU B 199 -24.95 8.03 -17.92
C LEU B 199 -24.89 6.98 -19.03
N ILE B 200 -24.65 5.71 -18.72
CA ILE B 200 -24.48 4.69 -19.78
C ILE B 200 -25.80 4.50 -20.51
N GLY B 201 -26.94 4.54 -19.83
CA GLY B 201 -28.25 4.38 -20.50
C GLY B 201 -28.51 5.55 -21.47
N ASP B 202 -28.08 6.75 -21.10
CA ASP B 202 -28.23 7.98 -21.93
C ASP B 202 -27.32 7.88 -23.16
N LEU B 203 -26.06 7.50 -22.98
CA LEU B 203 -25.13 7.23 -24.11
C LEU B 203 -25.70 6.15 -25.03
N ALA B 204 -26.33 5.11 -24.48
CA ALA B 204 -26.94 4.01 -25.27
C ALA B 204 -27.98 4.58 -26.24
N LYS B 205 -28.81 5.53 -25.78
CA LYS B 205 -29.92 6.12 -26.61
C LYS B 205 -29.39 7.02 -27.74
N LEU B 206 -28.22 7.64 -27.60
CA LEU B 206 -27.58 8.48 -28.66
C LEU B 206 -27.04 7.59 -29.78
N ARG B 207 -26.59 6.39 -29.42
CA ARG B 207 -25.99 5.39 -30.34
C ARG B 207 -26.91 5.16 -31.53
N GLY B 208 -26.38 5.27 -32.75
CA GLY B 208 -27.10 4.96 -34.00
C GLY B 208 -28.07 6.05 -34.44
N THR B 209 -28.01 7.24 -33.81
CA THR B 209 -28.99 8.34 -34.03
C THR B 209 -28.32 9.46 -34.83
N GLU B 210 -29.16 10.26 -35.50
CA GLU B 210 -28.74 11.37 -36.39
C GLU B 210 -27.73 12.24 -35.63
N GLY B 211 -26.51 12.33 -36.18
CA GLY B 211 -25.42 13.18 -35.66
C GLY B 211 -24.46 12.42 -34.76
N TYR B 212 -24.62 11.09 -34.63
CA TYR B 212 -23.76 10.22 -33.79
C TYR B 212 -23.20 9.09 -34.67
N GLU B 213 -23.35 9.24 -35.99
CA GLU B 213 -22.88 8.27 -37.01
C GLU B 213 -21.36 8.14 -36.86
N HIS B 214 -20.68 9.19 -36.38
CA HIS B 214 -19.20 9.24 -36.27
C HIS B 214 -18.69 8.59 -34.97
N VAL B 215 -19.55 8.43 -33.95
CA VAL B 215 -19.14 8.04 -32.57
C VAL B 215 -19.34 6.53 -32.39
N SER B 216 -18.24 5.77 -32.33
CA SER B 216 -18.26 4.29 -32.20
C SER B 216 -18.67 3.92 -30.77
N ASP B 217 -19.02 2.64 -30.55
CA ASP B 217 -19.25 2.09 -29.19
C ASP B 217 -18.02 2.35 -28.32
N GLU B 218 -16.81 2.13 -28.84
CA GLU B 218 -15.57 2.34 -28.06
C GLU B 218 -15.47 3.81 -27.59
N MET B 219 -15.90 4.76 -28.41
CA MET B 219 -15.88 6.18 -27.98
C MET B 219 -16.94 6.41 -26.89
N PHE B 220 -18.12 5.81 -26.99
CA PHE B 220 -19.13 5.93 -25.90
C PHE B 220 -18.56 5.28 -24.62
N ALA B 221 -17.94 4.11 -24.74
CA ALA B 221 -17.38 3.37 -23.58
C ALA B 221 -16.32 4.25 -22.91
N THR B 222 -15.55 5.00 -23.70
CA THR B 222 -14.42 5.85 -23.23
C THR B 222 -14.97 6.91 -22.27
N VAL B 223 -16.16 7.45 -22.57
CA VAL B 223 -16.78 8.50 -21.74
C VAL B 223 -17.02 7.90 -20.36
N GLY B 224 -17.65 6.72 -20.28
CA GLY B 224 -17.91 6.00 -19.02
C GLY B 224 -16.64 5.60 -18.26
N VAL B 225 -15.66 5.01 -18.93
CA VAL B 225 -14.38 4.66 -18.27
C VAL B 225 -13.68 5.91 -17.73
N THR B 226 -13.58 7.00 -18.48
CA THR B 226 -12.76 8.16 -18.03
C THR B 226 -13.50 8.91 -16.92
N LEU B 227 -14.83 8.96 -16.97
CA LEU B 227 -15.62 9.67 -15.94
C LEU B 227 -15.52 8.89 -14.64
N PHE B 228 -15.70 7.57 -14.69
CA PHE B 228 -15.52 6.72 -13.51
C PHE B 228 -14.14 6.98 -12.91
N GLY B 229 -13.07 6.88 -13.70
CA GLY B 229 -11.71 6.91 -13.13
C GLY B 229 -11.41 8.29 -12.54
N ALA B 230 -11.78 9.34 -13.24
CA ALA B 230 -11.48 10.73 -12.84
C ALA B 230 -12.26 11.07 -11.56
N GLY B 231 -13.54 10.75 -11.57
CA GLY B 231 -14.41 11.01 -10.42
C GLY B 231 -13.99 10.21 -9.19
N VAL B 232 -13.77 8.90 -9.31
CA VAL B 232 -13.41 8.04 -8.14
C VAL B 232 -12.05 8.45 -7.60
N ILE B 233 -11.05 8.68 -8.44
CA ILE B 233 -9.71 9.04 -7.89
C ILE B 233 -9.77 10.43 -7.20
N SER B 234 -10.51 11.39 -7.72
CA SER B 234 -10.61 12.74 -7.14
C SER B 234 -11.40 12.74 -5.81
N THR B 235 -12.54 12.05 -5.77
CA THR B 235 -13.41 12.00 -4.55
C THR B 235 -12.72 11.14 -3.48
N ALA B 236 -12.21 9.97 -3.85
CA ALA B 236 -11.68 8.98 -2.86
C ALA B 236 -10.37 9.58 -2.35
N GLY B 237 -9.67 10.29 -3.22
CA GLY B 237 -8.43 10.99 -2.90
C GLY B 237 -8.70 12.13 -1.95
N PHE B 238 -9.66 12.99 -2.28
CA PHE B 238 -9.98 14.17 -1.45
C PHE B 238 -10.42 13.68 -0.05
N LEU B 239 -11.34 12.73 -0.02
CA LEU B 239 -11.97 12.27 1.25
C LEU B 239 -10.89 11.67 2.13
N ALA B 240 -10.02 10.86 1.57
CA ALA B 240 -8.99 10.16 2.38
C ALA B 240 -8.09 11.26 2.98
N MET B 241 -7.74 12.28 2.19
CA MET B 241 -6.79 13.34 2.66
C MET B 241 -7.52 14.39 3.54
N ALA B 242 -8.83 14.52 3.42
CA ALA B 242 -9.67 15.35 4.33
C ALA B 242 -9.69 14.67 5.71
N LEU B 243 -9.74 13.35 5.76
CA LEU B 243 -9.64 12.57 7.02
C LEU B 243 -8.22 12.66 7.56
N VAL B 244 -7.19 12.65 6.73
CA VAL B 244 -5.81 12.90 7.20
C VAL B 244 -5.72 14.26 7.89
N THR B 245 -6.29 15.32 7.27
CA THR B 245 -6.25 16.67 7.88
C THR B 245 -6.96 16.64 9.25
N LEU B 246 -8.15 16.07 9.29
CA LEU B 246 -8.95 15.97 10.55
C LEU B 246 -8.22 15.12 11.59
N LEU B 247 -7.60 14.01 11.16
CA LEU B 247 -6.93 13.10 12.12
C LEU B 247 -5.62 13.72 12.59
N THR B 248 -5.05 14.71 11.91
CA THR B 248 -3.84 15.44 12.41
C THR B 248 -4.22 16.71 13.15
N HIS B 249 -5.52 17.04 13.26
CA HIS B 249 -6.04 18.21 14.01
C HIS B 249 -7.20 17.75 14.89
N PRO B 250 -6.93 16.86 15.87
CA PRO B 250 -7.99 16.24 16.66
C PRO B 250 -8.93 17.23 17.39
N GLU B 251 -8.39 18.31 17.95
CA GLU B 251 -9.19 19.36 18.61
C GLU B 251 -10.22 19.89 17.57
N GLU B 252 -9.78 20.15 16.33
CA GLU B 252 -10.65 20.74 15.28
C GLU B 252 -11.68 19.69 14.82
N ALA B 253 -11.31 18.43 14.72
CA ALA B 253 -12.22 17.36 14.24
C ALA B 253 -13.35 17.17 15.26
N ASP B 254 -13.02 17.20 16.56
CA ASP B 254 -14.02 17.00 17.66
C ASP B 254 -14.99 18.17 17.61
N HIS B 255 -14.47 19.40 17.50
CA HIS B 255 -15.31 20.62 17.35
C HIS B 255 -16.29 20.43 16.18
N LEU B 256 -15.82 20.04 15.01
CA LEU B 256 -16.66 19.92 13.80
C LEU B 256 -17.71 18.84 14.03
N ALA B 257 -17.32 17.72 14.64
CA ALA B 257 -18.27 16.65 15.04
C ALA B 257 -19.41 17.23 15.90
N ASP B 258 -19.19 18.18 16.82
CA ASP B 258 -20.25 18.72 17.71
C ASP B 258 -21.00 19.90 17.03
N HIS B 259 -20.56 20.36 15.86
CA HIS B 259 -21.08 21.57 15.17
C HIS B 259 -21.40 21.26 13.70
N PRO B 260 -22.41 20.42 13.40
CA PRO B 260 -22.77 20.15 12.01
C PRO B 260 -23.15 21.43 11.21
N GLU B 261 -23.53 22.51 11.92
CA GLU B 261 -23.82 23.82 11.24
C GLU B 261 -22.55 24.34 10.54
N LEU B 262 -21.35 23.88 10.90
CA LEU B 262 -20.11 24.37 10.27
C LEU B 262 -19.70 23.52 9.07
N MET B 263 -20.47 22.51 8.68
CA MET B 263 -19.98 21.56 7.65
C MET B 263 -19.77 22.31 6.33
N PRO B 264 -20.68 23.17 5.82
CA PRO B 264 -20.37 23.86 4.54
C PRO B 264 -19.05 24.65 4.53
N GLN B 265 -18.81 25.45 5.57
CA GLN B 265 -17.56 26.23 5.76
C GLN B 265 -16.36 25.30 5.90
N ALA B 266 -16.54 24.22 6.67
CA ALA B 266 -15.45 23.25 6.92
C ALA B 266 -15.05 22.56 5.62
N VAL B 267 -15.99 22.16 4.79
CA VAL B 267 -15.59 21.51 3.51
C VAL B 267 -14.74 22.51 2.66
N ASP B 268 -15.10 23.78 2.61
CA ASP B 268 -14.29 24.79 1.89
C ASP B 268 -12.89 24.86 2.48
N GLU B 269 -12.74 24.81 3.81
CA GLU B 269 -11.36 24.96 4.38
C GLU B 269 -10.60 23.64 4.25
N LEU B 270 -11.30 22.50 4.26
CA LEU B 270 -10.66 21.21 3.98
C LEU B 270 -10.17 21.16 2.54
N LEU B 271 -10.94 21.65 1.58
CA LEU B 271 -10.47 21.77 0.18
C LEU B 271 -9.26 22.71 0.11
N ARG B 272 -9.27 23.83 0.79
CA ARG B 272 -8.13 24.77 0.66
C ARG B 272 -6.83 24.11 1.19
N ILE B 273 -6.90 23.36 2.29
CA ILE B 273 -5.68 22.87 2.98
C ILE B 273 -5.32 21.46 2.44
N ASN B 274 -6.11 20.89 1.55
CA ASN B 274 -6.02 19.46 1.16
C ASN B 274 -4.72 19.24 0.37
N LEU B 275 -4.02 18.15 0.69
CA LEU B 275 -2.75 17.79 0.02
C LEU B 275 -2.89 16.57 -0.90
N SER B 276 -4.07 16.28 -1.45
CA SER B 276 -4.22 15.08 -2.29
C SER B 276 -3.54 15.30 -3.66
N ILE B 277 -3.39 16.53 -4.14
CA ILE B 277 -2.83 16.64 -5.52
C ILE B 277 -1.34 16.36 -5.46
N GLY B 278 -0.89 15.37 -6.21
CA GLY B 278 0.49 14.87 -6.15
C GLY B 278 1.35 15.32 -7.30
N ASP B 279 0.79 16.08 -8.27
CA ASP B 279 1.51 16.39 -9.52
C ASP B 279 1.20 17.87 -9.75
N GLY B 280 1.36 18.33 -10.98
CA GLY B 280 0.88 19.70 -11.32
C GLY B 280 -0.27 19.62 -12.29
N LEU B 281 -1.05 20.70 -12.45
CA LEU B 281 -2.03 20.73 -13.58
C LEU B 281 -1.29 21.20 -14.82
N PRO B 282 -1.21 20.35 -15.86
CA PRO B 282 -0.37 20.64 -17.02
C PRO B 282 -1.05 21.61 -18.01
N ARG B 283 -0.25 22.51 -18.60
CA ARG B 283 -0.69 23.30 -19.75
C ARG B 283 0.48 23.45 -20.70
N LEU B 284 0.19 23.50 -22.01
CA LEU B 284 1.21 23.75 -23.02
C LEU B 284 1.05 25.19 -23.49
N ALA B 285 2.12 25.98 -23.42
CA ALA B 285 2.14 27.35 -24.02
C ALA B 285 1.89 27.26 -25.54
N MET B 286 0.80 27.90 -26.05
CA MET B 286 0.41 27.81 -27.49
C MET B 286 0.99 29.02 -28.22
N GLU B 287 1.70 29.90 -27.51
CA GLU B 287 2.51 31.00 -28.09
C GLU B 287 3.48 31.47 -27.01
N ASP B 288 4.49 32.28 -27.37
CA ASP B 288 5.39 32.97 -26.41
C ASP B 288 4.53 33.79 -25.46
N MET B 289 4.79 33.64 -24.16
CA MET B 289 4.00 34.22 -23.04
C MET B 289 5.00 34.72 -22.02
N THR B 290 4.84 35.94 -21.57
CA THR B 290 5.49 36.42 -20.34
C THR B 290 4.62 35.94 -19.20
N LEU B 291 5.25 35.44 -18.14
CA LEU B 291 4.58 34.88 -16.96
C LEU B 291 5.42 35.21 -15.72
N GLY B 292 4.98 36.21 -14.95
CA GLY B 292 5.80 36.91 -13.94
C GLY B 292 7.14 37.29 -14.52
N GLU B 293 8.26 36.94 -13.84
CA GLU B 293 9.63 37.33 -14.25
C GLU B 293 10.23 36.36 -15.29
N VAL B 294 9.47 35.42 -15.88
CA VAL B 294 9.94 34.37 -16.82
C VAL B 294 9.33 34.58 -18.21
N GLU B 295 10.10 34.32 -19.27
CA GLU B 295 9.61 34.19 -20.67
C GLU B 295 9.38 32.71 -21.01
N VAL B 296 8.12 32.33 -21.28
CA VAL B 296 7.67 30.98 -21.69
C VAL B 296 7.61 30.96 -23.20
N LYS B 297 8.20 29.95 -23.82
CA LYS B 297 8.31 29.81 -25.29
C LYS B 297 7.19 28.89 -25.76
N LYS B 298 6.65 29.14 -26.96
CA LYS B 298 5.63 28.25 -27.58
C LYS B 298 6.09 26.79 -27.45
N GLY B 299 5.14 25.90 -27.15
CA GLY B 299 5.40 24.44 -27.05
C GLY B 299 6.01 24.01 -25.72
N GLU B 300 6.34 24.93 -24.81
CA GLU B 300 6.92 24.62 -23.48
C GLU B 300 5.82 24.23 -22.48
N LEU B 301 6.17 23.30 -21.59
CA LEU B 301 5.20 22.80 -20.59
C LEU B 301 5.23 23.78 -19.39
N VAL B 302 3.99 23.95 -18.83
CA VAL B 302 3.76 24.74 -17.61
C VAL B 302 3.02 23.82 -16.61
N LEU B 303 3.49 23.76 -15.38
CA LEU B 303 2.82 22.97 -14.33
C LEU B 303 2.28 23.93 -13.27
N VAL B 304 0.97 23.90 -13.12
CA VAL B 304 0.26 24.75 -12.14
C VAL B 304 0.21 23.93 -10.85
N LEU B 305 0.69 24.51 -9.75
CA LEU B 305 0.72 23.92 -8.40
C LEU B 305 -0.36 24.52 -7.49
N PRO B 306 -1.54 23.89 -7.40
CA PRO B 306 -2.62 24.39 -6.55
C PRO B 306 -2.20 24.52 -5.09
N GLU B 307 -1.37 23.61 -4.53
CA GLU B 307 -0.98 23.77 -3.11
C GLU B 307 -0.07 24.98 -2.93
N GLY B 308 0.65 25.43 -3.95
CA GLY B 308 1.37 26.71 -3.84
C GLY B 308 0.39 27.86 -3.71
N ALA B 309 -0.68 27.90 -4.50
CA ALA B 309 -1.68 28.98 -4.43
C ALA B 309 -2.41 28.91 -3.08
N ASN B 310 -2.77 27.69 -2.66
CA ASN B 310 -3.68 27.44 -1.50
C ASN B 310 -2.95 27.76 -0.20
N PHE B 311 -1.64 27.81 -0.22
CA PHE B 311 -0.84 28.10 0.98
C PHE B 311 -0.06 29.38 0.78
N ASP B 312 -0.49 30.21 -0.18
CA ASP B 312 0.16 31.52 -0.45
C ASP B 312 -0.26 32.48 0.66
N PRO B 313 0.68 32.95 1.52
CA PRO B 313 0.36 33.77 2.69
C PRO B 313 -0.16 35.18 2.38
N SER B 314 0.15 35.67 1.19
CA SER B 314 -0.40 36.95 0.66
C SER B 314 -1.92 36.80 0.55
N VAL B 315 -2.48 35.61 0.32
CA VAL B 315 -3.95 35.41 0.15
C VAL B 315 -4.55 34.70 1.34
N PHE B 316 -3.88 33.66 1.85
CA PHE B 316 -4.34 32.87 3.02
C PHE B 316 -3.34 33.06 4.15
N PRO B 317 -3.39 34.15 4.94
CA PRO B 317 -2.45 34.35 6.05
C PRO B 317 -2.57 33.23 7.10
N ASP B 318 -1.41 32.87 7.69
CA ASP B 318 -1.28 31.69 8.58
C ASP B 318 -1.81 30.49 7.81
N PRO B 319 -1.19 30.19 6.65
CA PRO B 319 -1.74 29.22 5.71
C PRO B 319 -1.77 27.77 6.23
N HIS B 320 -0.88 27.42 7.15
CA HIS B 320 -0.78 26.05 7.71
C HIS B 320 -1.90 25.80 8.73
N ARG B 321 -2.55 26.83 9.25
CA ARG B 321 -3.62 26.68 10.27
C ARG B 321 -4.91 26.17 9.63
N LEU B 322 -5.50 25.16 10.21
CA LEU B 322 -6.84 24.68 9.81
C LEU B 322 -7.84 25.61 10.50
N ASP B 323 -8.44 26.54 9.77
CA ASP B 323 -9.37 27.52 10.40
C ASP B 323 -10.71 27.41 9.67
N PHE B 324 -11.71 26.81 10.30
CA PHE B 324 -13.00 26.55 9.61
C PHE B 324 -13.74 27.87 9.37
N THR B 325 -13.39 28.94 10.08
CA THR B 325 -14.07 30.27 9.99
C THR B 325 -13.32 31.16 8.99
N ARG B 326 -12.29 30.65 8.32
CA ARG B 326 -11.43 31.46 7.42
C ARG B 326 -12.35 32.08 6.36
N ALA B 327 -12.35 33.41 6.28
CA ALA B 327 -13.31 34.18 5.45
C ALA B 327 -13.25 33.75 3.98
N ASN B 328 -12.07 33.48 3.43
CA ASN B 328 -11.87 33.30 1.97
C ASN B 328 -11.45 31.85 1.61
N SER B 329 -11.76 30.83 2.42
CA SER B 329 -11.51 29.41 2.08
C SER B 329 -12.00 29.06 0.69
N SER B 330 -13.14 29.61 0.27
CA SER B 330 -13.78 29.21 -1.00
C SER B 330 -12.99 29.77 -2.21
N ALA B 331 -11.94 30.58 -1.99
CA ALA B 331 -11.11 31.14 -3.08
C ALA B 331 -9.95 30.21 -3.43
N HIS B 332 -10.02 28.93 -3.04
CA HIS B 332 -8.97 27.93 -3.32
C HIS B 332 -8.97 27.47 -4.80
N PHE B 333 -7.88 26.82 -5.20
CA PHE B 333 -7.69 26.25 -6.56
C PHE B 333 -7.72 24.72 -6.55
N SER B 334 -8.37 24.09 -5.55
CA SER B 334 -8.42 22.62 -5.43
C SER B 334 -9.37 22.03 -6.46
N PHE B 335 -10.23 22.81 -7.09
CA PHE B 335 -11.05 22.37 -8.25
C PHE B 335 -10.53 23.01 -9.55
N GLY B 336 -9.33 23.56 -9.49
CA GLY B 336 -8.74 24.27 -10.62
C GLY B 336 -9.40 25.64 -10.82
N GLY B 337 -9.56 26.05 -12.08
CA GLY B 337 -10.02 27.38 -12.42
C GLY B 337 -10.12 27.56 -13.93
N GLY B 338 -10.74 28.65 -14.33
CA GLY B 338 -11.05 29.00 -15.73
C GLY B 338 -11.76 27.90 -16.49
N SER B 339 -11.38 27.72 -17.74
CA SER B 339 -12.10 26.89 -18.75
C SER B 339 -12.20 25.44 -18.27
N HIS B 340 -11.19 24.95 -17.58
CA HIS B 340 -11.13 23.53 -17.14
C HIS B 340 -11.44 23.39 -15.65
N TYR B 341 -12.12 24.36 -15.05
CA TYR B 341 -12.65 24.26 -13.66
C TYR B 341 -13.46 22.96 -13.55
N CYS B 342 -13.24 22.19 -12.51
CA CYS B 342 -13.99 20.93 -12.30
C CYS B 342 -15.47 21.12 -12.59
N PRO B 343 -16.03 20.34 -13.51
CA PRO B 343 -17.47 20.41 -13.82
C PRO B 343 -18.35 19.78 -12.74
N ALA B 344 -17.75 18.97 -11.84
CA ALA B 344 -18.47 18.17 -10.83
C ALA B 344 -18.26 18.78 -9.44
N THR B 345 -18.03 20.09 -9.30
CA THR B 345 -17.75 20.65 -7.94
C THR B 345 -19.00 20.45 -7.05
N ALA B 346 -20.22 20.60 -7.58
CA ALA B 346 -21.48 20.48 -6.79
C ALA B 346 -21.53 19.07 -6.22
N LEU B 347 -21.23 18.09 -7.07
CA LEU B 347 -21.29 16.67 -6.64
C LEU B 347 -20.14 16.36 -5.71
N GLY B 348 -18.94 16.81 -6.03
CA GLY B 348 -17.77 16.58 -5.16
C GLY B 348 -18.01 17.13 -3.77
N LYS B 349 -18.52 18.36 -3.66
CA LYS B 349 -18.73 18.98 -2.32
C LYS B 349 -19.88 18.27 -1.58
N LYS B 350 -20.93 17.86 -2.28
CA LYS B 350 -22.08 17.25 -1.60
C LYS B 350 -21.67 15.88 -1.07
N HIS B 351 -20.95 15.14 -1.87
CA HIS B 351 -20.43 13.81 -1.51
C HIS B 351 -19.50 13.91 -0.29
N ALA B 352 -18.60 14.90 -0.26
CA ALA B 352 -17.73 15.13 0.91
C ALA B 352 -18.54 15.55 2.14
N GLU B 353 -19.52 16.42 2.00
CA GLU B 353 -20.32 16.88 3.18
C GLU B 353 -21.04 15.66 3.78
N ILE B 354 -21.71 14.88 2.92
CA ILE B 354 -22.43 13.66 3.32
C ILE B 354 -21.51 12.66 4.02
N GLY B 355 -20.41 12.25 3.37
CA GLY B 355 -19.48 11.25 3.88
C GLY B 355 -18.78 11.71 5.13
N LEU B 356 -18.21 12.92 5.19
CA LEU B 356 -17.52 13.39 6.42
C LEU B 356 -18.53 13.48 7.56
N ARG B 357 -19.75 13.94 7.28
CA ARG B 357 -20.75 14.09 8.37
C ARG B 357 -21.10 12.69 8.92
N ALA B 358 -21.33 11.70 8.06
CA ALA B 358 -21.67 10.31 8.47
C ALA B 358 -20.59 9.75 9.43
N VAL B 359 -19.34 9.97 9.12
CA VAL B 359 -18.21 9.55 9.96
C VAL B 359 -18.20 10.33 11.27
N LEU B 360 -18.15 11.68 11.22
CA LEU B 360 -17.95 12.45 12.48
C LEU B 360 -19.16 12.28 13.41
N ALA B 361 -20.37 12.07 12.89
CA ALA B 361 -21.59 12.00 13.73
C ALA B 361 -21.57 10.69 14.53
N ALA B 362 -21.01 9.64 13.99
CA ALA B 362 -21.25 8.28 14.53
C ALA B 362 -19.98 7.72 15.18
N MET B 363 -18.81 8.31 14.95
CA MET B 363 -17.53 7.78 15.53
C MET B 363 -16.91 8.87 16.40
N PRO B 364 -17.33 8.91 17.68
CA PRO B 364 -16.92 9.97 18.59
C PRO B 364 -15.44 9.86 18.95
N ARG B 365 -14.77 11.02 19.02
CA ARG B 365 -13.31 11.11 19.32
C ARG B 365 -12.54 10.26 18.31
N LEU B 366 -12.78 10.47 17.01
CA LEU B 366 -12.05 9.80 15.91
C LEU B 366 -10.58 10.13 16.07
N ARG B 367 -9.72 9.13 16.10
CA ARG B 367 -8.27 9.32 16.28
C ARG B 367 -7.55 8.39 15.33
N LEU B 368 -6.39 8.83 14.87
CA LEU B 368 -5.40 7.96 14.18
C LEU B 368 -5.00 6.85 15.15
N ALA B 369 -5.07 5.62 14.69
CA ALA B 369 -4.76 4.44 15.56
C ALA B 369 -3.27 4.06 15.54
N VAL B 370 -2.47 4.73 14.72
CA VAL B 370 -0.99 4.56 14.57
C VAL B 370 -0.34 5.94 14.63
N PRO B 371 0.94 6.05 15.05
CA PRO B 371 1.70 7.28 14.92
C PRO B 371 1.69 7.69 13.44
N VAL B 372 1.48 8.98 13.18
CA VAL B 372 1.35 9.47 11.79
C VAL B 372 2.59 9.05 10.95
N GLU B 373 3.79 8.97 11.55
CA GLU B 373 5.05 8.44 10.91
C GLU B 373 4.86 7.03 10.32
N GLN B 374 3.89 6.26 10.79
CA GLN B 374 3.65 4.85 10.41
C GLN B 374 2.72 4.75 9.23
N LEU B 375 2.14 5.86 8.76
CA LEU B 375 1.38 5.84 7.49
C LEU B 375 2.33 5.55 6.33
N VAL B 376 1.86 4.76 5.36
CA VAL B 376 2.61 4.37 4.12
C VAL B 376 2.07 5.21 2.96
N TRP B 377 2.87 6.15 2.52
CA TRP B 377 2.49 7.07 1.42
C TRP B 377 2.66 6.41 0.06
N ARG B 378 1.59 6.40 -0.73
CA ARG B 378 1.70 5.90 -2.12
C ARG B 378 2.69 6.78 -2.90
N THR B 379 3.65 6.19 -3.59
CA THR B 379 4.66 6.90 -4.40
C THR B 379 4.28 6.76 -5.87
N GLY B 380 4.77 7.68 -6.70
CA GLY B 380 4.71 7.58 -8.17
C GLY B 380 3.29 7.70 -8.68
N PHE B 381 2.46 8.47 -7.99
CA PHE B 381 0.98 8.43 -8.18
C PHE B 381 0.43 9.86 -8.35
N MET B 382 -0.64 10.03 -9.09
CA MET B 382 -1.18 11.39 -9.34
C MET B 382 -1.62 12.04 -8.01
N LYS B 383 -2.03 11.27 -7.01
CA LYS B 383 -2.54 11.82 -5.73
C LYS B 383 -1.60 11.41 -4.61
N ARG B 384 -1.45 12.25 -3.58
CA ARG B 384 -0.93 11.74 -2.28
C ARG B 384 -2.04 10.98 -1.56
N LEU B 385 -1.72 9.80 -1.01
CA LEU B 385 -2.78 8.90 -0.50
C LEU B 385 -2.08 7.95 0.46
N PRO B 386 -2.53 7.75 1.73
CA PRO B 386 -1.93 6.70 2.54
C PRO B 386 -2.48 5.36 2.05
N GLU B 387 -1.66 4.29 2.11
CA GLU B 387 -2.14 3.01 1.54
C GLU B 387 -3.25 2.44 2.47
N ARG B 388 -3.08 2.65 3.78
CA ARG B 388 -4.12 2.34 4.81
C ARG B 388 -4.24 3.56 5.73
N LEU B 389 -5.41 3.77 6.30
CA LEU B 389 -5.68 4.87 7.24
C LEU B 389 -6.39 4.28 8.46
N PRO B 390 -5.60 3.71 9.38
CA PRO B 390 -6.08 3.05 10.57
C PRO B 390 -6.60 4.08 11.57
N VAL B 391 -7.86 3.91 11.98
CA VAL B 391 -8.49 4.79 12.97
C VAL B 391 -9.14 3.99 14.09
N MET B 392 -9.32 4.70 15.19
CA MET B 392 -10.01 4.23 16.41
C MET B 392 -10.92 5.38 16.88
N TRP B 393 -11.82 5.11 17.79
CA TRP B 393 -12.83 6.08 18.27
C TRP B 393 -13.29 5.64 19.64
N GLY B 394 -14.05 6.46 20.34
CA GLY B 394 -14.62 6.18 21.68
C GLY B 394 -13.68 6.63 22.79
N SER B 395 -13.92 6.22 24.03
CA SER B 395 -12.98 6.42 25.17
C SER B 395 -12.09 5.18 25.32
#